data_2H7S
#
_entry.id   2H7S
#
_cell.length_a   57.704
_cell.length_b   59.853
_cell.length_c   114.124
_cell.angle_alpha   90.00
_cell.angle_beta   104.69
_cell.angle_gamma   90.00
#
_symmetry.space_group_name_H-M   'P 1 21 1'
#
loop_
_entity.id
_entity.type
_entity.pdbx_description
1 polymer 'Cytochrome P450-cam'
2 non-polymer 'HEME C'
3 water water
#
_entity_poly.entity_id   1
_entity_poly.type   'polypeptide(L)'
_entity_poly.pdbx_seq_one_letter_code
;TTETIQSNANLAPLPPHVPEHLVFDFDMYNPSNLSAGVQEAWAVLQESNVPDLVWTRCNGGHWIATRGQLIREAYEDYRH
FSSECPFIPREAGEAYDFIPTSMDPPEQRQFRALANQVVGMPVVDKLENRIQELACSLIESLRPQGQCNFTEDYAEPFPI
RIFMLLAGLPEEDIPHLKYLTDQMTRPDGSMTFAEAKEALYDYLIPIIEQRRQKPGTDAISIVANGQVNGRPITSDEAKR
MCGALLVGGLDTVVNFLSFSMEFLAKSPEHRQELIERPERIPAACEELLRRFSLVADGRILTSDYEFHGVQLKKGDQILL
PQMLSGLDERENAAPMHVDFSRQKVSHTTFGHGSHLCLGQHLARREIIVTLKEWLTRIPDFSIAPGAQIQHKSGIVSGVQ
ALPLVWDPATTKAV
;
_entity_poly.pdbx_strand_id   A,C
#
# COMPACT_ATOMS: atom_id res chain seq x y z
N ASN A 10 -3.37 7.11 -14.35
CA ASN A 10 -3.23 6.16 -15.53
C ASN A 10 -2.31 5.16 -14.89
N LEU A 11 -2.87 4.66 -13.78
CA LEU A 11 -2.10 3.78 -12.84
C LEU A 11 -1.48 2.59 -13.60
N ALA A 12 -0.17 2.33 -13.56
CA ALA A 12 0.21 1.10 -14.30
C ALA A 12 -0.27 -0.10 -13.42
N PRO A 13 -0.67 -1.27 -13.98
CA PRO A 13 -1.02 -2.49 -13.18
C PRO A 13 0.09 -3.00 -12.39
N LEU A 14 -0.14 -3.76 -11.36
CA LEU A 14 0.90 -4.04 -10.34
C LEU A 14 2.05 -5.12 -10.69
N PRO A 15 3.31 -4.74 -10.98
CA PRO A 15 4.19 -5.88 -11.19
C PRO A 15 4.04 -7.03 -10.14
N PRO A 16 3.75 -8.26 -10.62
CA PRO A 16 3.68 -9.53 -9.92
C PRO A 16 4.61 -9.46 -8.64
N HIS A 17 5.80 -8.96 -8.72
CA HIS A 17 6.64 -8.90 -7.51
C HIS A 17 6.47 -7.81 -6.41
N VAL A 18 5.55 -6.89 -6.58
CA VAL A 18 5.13 -5.86 -5.55
C VAL A 18 3.91 -6.17 -4.54
N PRO A 19 4.16 -6.25 -3.18
CA PRO A 19 2.99 -6.67 -2.35
C PRO A 19 1.84 -5.66 -2.33
N GLU A 20 0.65 -6.17 -2.22
CA GLU A 20 -0.40 -5.19 -2.49
C GLU A 20 -0.30 -4.13 -1.39
N HIS A 21 0.53 -4.44 -0.37
CA HIS A 21 0.24 -3.71 0.82
C HIS A 21 1.21 -2.59 0.97
N LEU A 22 2.34 -2.71 0.21
CA LEU A 22 3.32 -1.65 -0.04
C LEU A 22 3.05 -0.66 -1.16
N VAL A 23 1.83 -0.78 -1.77
CA VAL A 23 1.28 0.10 -2.69
C VAL A 23 0.59 1.37 -2.04
N PHE A 24 1.19 2.48 -2.44
CA PHE A 24 0.72 3.85 -2.33
C PHE A 24 0.77 4.70 -3.79
N ASP A 25 -0.40 4.97 -4.34
CA ASP A 25 -0.58 5.75 -5.53
C ASP A 25 -0.33 7.27 -5.56
N PHE A 26 0.78 7.71 -5.01
CA PHE A 26 1.30 9.10 -5.06
C PHE A 26 1.73 9.55 -6.49
N ASP A 27 1.24 10.70 -6.92
CA ASP A 27 1.39 11.20 -8.28
C ASP A 27 2.33 12.38 -8.02
N MET A 28 3.62 12.26 -8.48
CA MET A 28 4.68 13.22 -8.32
C MET A 28 4.62 14.53 -9.22
N TYR A 29 4.09 14.42 -10.46
CA TYR A 29 3.62 15.55 -11.24
C TYR A 29 2.26 16.21 -10.83
N ASN A 30 1.45 15.53 -10.03
CA ASN A 30 0.14 16.12 -9.53
C ASN A 30 -0.41 15.50 -8.18
N PRO A 31 0.26 15.83 -7.07
CA PRO A 31 -0.20 14.95 -6.06
C PRO A 31 -1.45 15.46 -5.39
N SER A 32 -2.20 14.53 -4.84
CA SER A 32 -3.57 14.84 -4.36
C SER A 32 -3.69 16.18 -3.63
N ASN A 33 -2.72 16.42 -2.73
CA ASN A 33 -2.98 17.48 -1.75
C ASN A 33 -2.30 18.79 -2.23
N LEU A 34 -2.09 18.94 -3.56
CA LEU A 34 -1.33 20.04 -4.08
C LEU A 34 -1.63 21.46 -3.38
N SER A 35 -2.90 21.64 -2.85
CA SER A 35 -3.54 23.00 -2.53
C SER A 35 -3.04 23.40 -1.10
N ALA A 36 -2.88 22.37 -0.27
CA ALA A 36 -2.07 22.43 0.91
C ALA A 36 -0.65 23.12 0.57
N GLY A 37 -0.26 23.27 -0.73
CA GLY A 37 1.13 23.74 -0.91
C GLY A 37 1.98 22.59 -1.56
N VAL A 38 3.28 22.84 -2.02
CA VAL A 38 3.90 21.60 -2.54
C VAL A 38 4.77 20.79 -1.43
N GLN A 39 5.71 21.33 -0.66
CA GLN A 39 6.12 20.48 0.49
C GLN A 39 4.99 19.80 1.45
N GLU A 40 3.85 20.49 1.69
CA GLU A 40 2.60 19.78 2.24
C GLU A 40 1.96 18.58 1.64
N ALA A 41 1.75 18.62 0.34
CA ALA A 41 1.43 17.38 -0.49
C ALA A 41 2.51 16.25 -0.43
N TRP A 42 3.81 16.53 -0.51
CA TRP A 42 4.59 15.34 -0.44
C TRP A 42 4.55 14.80 0.96
N ALA A 43 4.64 15.71 1.97
CA ALA A 43 4.80 15.25 3.37
C ALA A 43 3.82 14.12 3.65
N VAL A 44 2.74 13.94 2.90
CA VAL A 44 1.69 12.90 3.12
C VAL A 44 2.23 11.56 2.98
N LEU A 45 3.41 11.47 2.36
CA LEU A 45 4.18 10.26 2.34
C LEU A 45 4.81 9.91 3.63
N GLN A 46 4.93 10.85 4.56
CA GLN A 46 5.64 10.56 5.78
C GLN A 46 4.61 10.33 6.92
N GLU A 47 3.30 10.42 6.60
CA GLU A 47 2.18 10.17 7.53
C GLU A 47 2.47 8.75 8.18
N SER A 48 1.79 8.48 9.26
CA SER A 48 1.97 7.23 9.98
C SER A 48 1.29 6.07 9.15
N ASN A 49 0.33 6.33 8.24
CA ASN A 49 -0.16 5.13 7.52
C ASN A 49 0.70 4.73 6.25
N VAL A 50 1.92 5.26 6.20
CA VAL A 50 2.65 5.10 4.94
C VAL A 50 3.96 4.30 5.17
N PRO A 51 4.09 3.07 4.56
CA PRO A 51 5.32 2.30 4.87
C PRO A 51 6.52 3.14 4.54
N ASP A 52 7.60 2.95 5.30
CA ASP A 52 8.78 3.59 4.90
C ASP A 52 9.04 3.73 3.36
N LEU A 53 8.48 2.80 2.57
CA LEU A 53 8.93 2.42 1.25
C LEU A 53 7.75 1.74 0.65
N VAL A 54 7.16 2.52 -0.26
CA VAL A 54 6.05 2.17 -1.06
C VAL A 54 6.36 2.02 -2.60
N TRP A 55 5.43 1.44 -3.24
CA TRP A 55 5.19 1.68 -4.62
C TRP A 55 3.90 2.47 -5.00
N THR A 56 4.06 3.47 -5.85
CA THR A 56 2.98 4.01 -6.77
C THR A 56 3.02 3.44 -8.17
N ARG A 57 1.85 3.17 -8.65
CA ARG A 57 1.56 2.74 -10.02
C ARG A 57 1.29 4.00 -10.77
N CYS A 58 1.43 5.21 -10.17
CA CYS A 58 1.31 6.41 -11.04
C CYS A 58 2.59 6.60 -11.88
N ASN A 59 2.49 7.27 -13.04
CA ASN A 59 3.64 7.60 -14.00
C ASN A 59 4.54 6.36 -14.21
N GLY A 60 3.87 5.20 -14.27
CA GLY A 60 4.55 3.98 -14.84
C GLY A 60 4.90 2.93 -13.84
N GLY A 61 4.76 3.33 -12.58
CA GLY A 61 4.79 2.42 -11.40
C GLY A 61 6.23 2.68 -11.04
N HIS A 62 6.57 2.91 -9.74
CA HIS A 62 7.98 3.04 -9.34
C HIS A 62 8.07 3.13 -7.75
N TRP A 63 9.23 2.98 -7.14
CA TRP A 63 9.31 2.95 -5.74
C TRP A 63 9.52 4.33 -5.44
N ILE A 64 9.28 4.66 -4.18
CA ILE A 64 9.40 5.94 -3.46
C ILE A 64 9.92 5.60 -1.98
N ALA A 65 11.04 6.10 -1.58
CA ALA A 65 11.44 6.02 -0.21
C ALA A 65 10.89 7.36 0.38
N THR A 66 10.34 7.20 1.55
CA THR A 66 9.64 8.21 2.16
C THR A 66 10.46 8.74 3.36
N ARG A 67 11.68 8.26 3.67
CA ARG A 67 12.35 8.62 5.04
C ARG A 67 13.74 8.93 4.86
N GLY A 68 14.25 9.99 5.51
CA GLY A 68 15.68 10.38 5.43
C GLY A 68 16.76 9.26 5.44
N GLN A 69 16.57 8.33 6.31
CA GLN A 69 17.67 7.36 6.36
C GLN A 69 17.82 6.47 5.07
N LEU A 70 16.73 6.17 4.35
CA LEU A 70 16.68 5.24 3.21
C LEU A 70 16.99 5.97 1.99
N ILE A 71 16.48 7.22 1.79
CA ILE A 71 16.92 8.22 0.76
C ILE A 71 18.49 8.37 0.75
N ARG A 72 19.06 8.50 2.00
CA ARG A 72 20.50 8.76 2.19
C ARG A 72 21.25 7.55 1.87
N GLU A 73 20.75 6.49 2.44
CA GLU A 73 21.32 5.23 2.23
C GLU A 73 21.43 4.82 0.70
N ALA A 74 20.31 4.94 -0.06
CA ALA A 74 20.24 4.58 -1.46
C ALA A 74 20.98 5.57 -2.18
N TYR A 75 21.14 6.79 -1.62
CA TYR A 75 21.93 7.80 -2.29
C TYR A 75 23.41 7.48 -2.23
N GLU A 76 23.79 6.85 -1.08
CA GLU A 76 25.07 6.26 -0.80
C GLU A 76 25.56 5.10 -1.66
N ASP A 77 24.63 4.18 -1.93
CA ASP A 77 24.84 2.93 -2.62
C ASP A 77 24.68 3.02 -4.25
N TYR A 78 25.53 3.69 -4.98
CA TYR A 78 25.39 3.75 -6.39
C TYR A 78 25.47 2.31 -7.10
N ARG A 79 26.18 1.36 -6.55
CA ARG A 79 26.34 0.08 -7.23
C ARG A 79 25.03 -0.48 -7.16
N HIS A 80 24.16 -0.09 -6.28
CA HIS A 80 22.93 -0.83 -6.44
C HIS A 80 22.01 0.02 -7.11
N PHE A 81 22.27 1.32 -6.89
CA PHE A 81 21.12 2.32 -7.28
C PHE A 81 21.68 3.35 -8.27
N SER A 82 21.39 3.29 -9.61
CA SER A 82 22.55 3.80 -10.38
C SER A 82 21.95 5.03 -10.86
N SER A 83 22.64 6.14 -11.14
CA SER A 83 21.74 7.25 -11.78
C SER A 83 21.82 7.03 -13.30
N GLU A 84 21.89 5.84 -13.85
CA GLU A 84 21.68 5.65 -15.37
C GLU A 84 20.35 6.32 -16.04
N CYS A 85 19.26 6.14 -15.33
CA CYS A 85 17.95 6.63 -15.64
C CYS A 85 17.59 7.29 -14.41
N PRO A 86 17.97 8.59 -14.07
CA PRO A 86 17.39 9.04 -12.71
C PRO A 86 16.03 9.72 -12.69
N PHE A 87 15.42 9.93 -13.89
CA PHE A 87 14.11 10.56 -14.12
C PHE A 87 12.88 9.66 -14.20
N ILE A 88 11.88 10.07 -13.34
CA ILE A 88 10.55 9.69 -13.58
C ILE A 88 9.65 10.68 -14.66
N PRO A 89 8.96 10.12 -15.67
CA PRO A 89 8.79 8.67 -15.92
C PRO A 89 10.07 7.90 -16.61
N ARG A 90 10.17 6.56 -16.53
CA ARG A 90 10.89 5.76 -17.41
C ARG A 90 11.37 6.41 -18.66
N GLU A 91 10.52 6.71 -19.69
CA GLU A 91 10.90 7.37 -21.00
C GLU A 91 11.81 8.50 -20.66
N ALA A 92 11.42 9.28 -19.63
CA ALA A 92 12.29 10.50 -19.41
C ALA A 92 13.69 9.93 -18.94
N GLY A 93 13.73 9.00 -18.10
CA GLY A 93 15.07 8.72 -17.44
C GLY A 93 15.92 8.05 -18.53
N GLU A 94 15.30 7.24 -19.44
CA GLU A 94 16.23 6.39 -20.29
C GLU A 94 16.60 7.45 -21.22
N ALA A 95 15.62 8.39 -21.51
CA ALA A 95 16.04 9.60 -22.15
C ALA A 95 17.01 10.50 -21.50
N TYR A 96 16.72 11.00 -20.29
CA TYR A 96 17.80 11.74 -19.66
C TYR A 96 19.50 11.32 -19.91
N ASP A 97 20.32 12.15 -20.53
CA ASP A 97 21.69 11.63 -20.56
C ASP A 97 22.72 12.58 -20.01
N PHE A 98 22.28 13.60 -19.26
CA PHE A 98 23.18 14.62 -19.06
C PHE A 98 24.42 14.02 -18.32
N ILE A 99 25.38 14.76 -18.11
CA ILE A 99 26.69 14.37 -17.61
C ILE A 99 27.05 15.53 -16.67
N PRO A 100 27.49 15.29 -15.42
CA PRO A 100 27.83 14.05 -14.69
C PRO A 100 26.53 13.26 -14.12
N THR A 101 25.34 13.87 -14.03
CA THR A 101 24.08 13.42 -13.47
C THR A 101 23.38 12.07 -13.84
N SER A 102 23.76 11.57 -15.01
CA SER A 102 23.17 10.34 -15.36
C SER A 102 24.44 9.34 -15.27
N MET A 103 25.57 9.73 -14.75
CA MET A 103 26.73 8.71 -14.48
C MET A 103 26.77 8.22 -13.00
N ASP A 104 27.55 7.17 -12.83
CA ASP A 104 27.84 6.45 -11.59
C ASP A 104 29.22 6.63 -11.32
N PRO A 105 29.60 6.73 -10.06
CA PRO A 105 31.01 6.54 -9.89
C PRO A 105 31.53 5.23 -10.56
N PRO A 106 32.82 5.24 -11.07
CA PRO A 106 33.84 6.26 -11.09
C PRO A 106 33.89 6.93 -12.44
N GLU A 107 32.83 6.73 -13.26
CA GLU A 107 32.90 7.50 -14.52
C GLU A 107 32.79 9.02 -14.15
N GLN A 108 32.09 9.19 -13.11
CA GLN A 108 31.36 10.45 -13.11
C GLN A 108 32.34 11.40 -12.87
N ARG A 109 33.51 10.98 -12.31
CA ARG A 109 34.31 11.80 -11.39
C ARG A 109 35.22 12.84 -12.18
N GLN A 110 35.92 12.44 -13.28
CA GLN A 110 36.32 13.27 -14.51
C GLN A 110 35.46 14.50 -15.08
N PHE A 111 34.09 14.30 -15.01
CA PHE A 111 33.28 15.14 -15.70
C PHE A 111 32.72 16.05 -14.68
N ARG A 112 32.52 15.53 -13.50
CA ARG A 112 31.91 16.29 -12.43
C ARG A 112 33.00 17.40 -12.14
N ALA A 113 34.27 16.96 -12.20
CA ALA A 113 35.37 18.01 -11.71
C ALA A 113 35.37 19.18 -12.63
N LEU A 114 34.91 18.84 -13.85
CA LEU A 114 34.93 19.78 -14.91
C LEU A 114 33.73 20.54 -14.82
N ALA A 115 32.53 20.03 -14.57
CA ALA A 115 31.36 20.86 -14.26
C ALA A 115 31.55 21.73 -12.99
N ASN A 116 32.43 21.21 -12.13
CA ASN A 116 32.86 22.02 -10.99
C ASN A 116 33.84 23.23 -11.38
N GLN A 117 34.56 23.09 -12.50
CA GLN A 117 35.33 24.39 -12.88
C GLN A 117 34.58 25.58 -13.31
N VAL A 118 33.29 25.40 -13.78
CA VAL A 118 32.65 26.35 -14.48
C VAL A 118 31.69 26.92 -13.54
N VAL A 119 31.43 26.31 -12.37
CA VAL A 119 30.46 26.76 -11.42
C VAL A 119 30.88 26.59 -9.99
N GLY A 120 32.05 26.02 -9.70
CA GLY A 120 32.30 25.71 -8.32
C GLY A 120 32.91 26.92 -7.67
N MET A 121 33.44 26.81 -6.45
CA MET A 121 33.37 28.00 -5.54
C MET A 121 33.91 29.19 -6.22
N PRO A 122 35.11 29.06 -6.78
CA PRO A 122 35.96 30.11 -7.39
C PRO A 122 35.28 31.08 -8.39
N VAL A 123 34.50 30.48 -9.18
CA VAL A 123 33.56 31.16 -9.98
C VAL A 123 32.52 32.14 -9.15
N VAL A 124 32.21 31.83 -7.90
CA VAL A 124 31.14 32.51 -7.27
C VAL A 124 31.67 33.83 -6.66
N ASP A 125 33.00 33.83 -6.45
CA ASP A 125 33.75 34.81 -5.68
C ASP A 125 33.96 35.76 -6.66
N LYS A 126 34.67 35.40 -7.75
CA LYS A 126 34.68 36.20 -8.97
C LYS A 126 33.41 36.92 -9.39
N LEU A 127 32.32 36.17 -9.47
CA LEU A 127 31.08 36.77 -9.81
C LEU A 127 30.45 37.59 -8.73
N GLU A 128 31.10 37.75 -7.58
CA GLU A 128 30.55 38.36 -6.43
C GLU A 128 29.91 39.69 -6.66
N ASN A 129 30.58 40.63 -7.33
CA ASN A 129 30.02 41.90 -7.33
C ASN A 129 28.89 41.99 -8.38
N ARG A 130 28.93 41.15 -9.43
CA ARG A 130 27.98 41.01 -10.54
C ARG A 130 26.73 40.49 -9.95
N ILE A 131 26.79 39.60 -8.94
CA ILE A 131 25.67 39.06 -8.23
C ILE A 131 25.02 40.14 -7.26
N GLN A 132 25.88 40.92 -6.55
CA GLN A 132 25.58 41.96 -5.62
C GLN A 132 24.78 43.10 -6.39
N GLU A 133 25.34 43.52 -7.52
CA GLU A 133 24.76 44.62 -8.29
C GLU A 133 23.55 44.27 -9.06
N LEU A 134 23.24 43.02 -9.45
CA LEU A 134 21.89 42.77 -10.06
C LEU A 134 20.75 42.82 -9.03
N ALA A 135 21.04 42.13 -7.88
CA ALA A 135 20.12 41.84 -6.73
C ALA A 135 19.68 43.21 -6.26
N CYS A 136 20.63 44.15 -6.04
CA CYS A 136 20.25 45.61 -5.66
C CYS A 136 19.78 46.46 -6.88
N SER A 137 20.47 46.51 -8.02
CA SER A 137 19.70 47.09 -9.15
C SER A 137 18.15 46.67 -9.09
N LEU A 138 17.88 45.42 -9.50
CA LEU A 138 16.59 44.76 -9.37
C LEU A 138 15.59 45.16 -8.26
N ILE A 139 16.00 45.28 -7.02
CA ILE A 139 14.97 45.54 -6.01
C ILE A 139 14.68 46.97 -6.11
N GLU A 140 15.69 47.76 -6.48
CA GLU A 140 15.58 49.28 -6.50
C GLU A 140 14.57 49.75 -7.56
N SER A 141 14.65 49.21 -8.81
CA SER A 141 13.75 49.34 -9.89
C SER A 141 12.21 48.96 -9.63
N LEU A 142 12.13 48.02 -8.70
CA LEU A 142 11.06 47.48 -8.04
C LEU A 142 10.52 48.37 -6.89
N ARG A 143 11.23 48.58 -5.83
CA ARG A 143 10.70 49.11 -4.58
C ARG A 143 9.75 50.38 -4.74
N PRO A 144 10.04 51.30 -5.56
CA PRO A 144 8.98 52.31 -5.68
C PRO A 144 7.57 51.94 -6.15
N GLN A 145 7.24 50.71 -6.62
CA GLN A 145 5.92 50.47 -7.21
C GLN A 145 4.79 49.99 -6.32
N GLY A 146 5.21 49.46 -5.19
CA GLY A 146 4.29 49.00 -4.30
C GLY A 146 3.95 47.64 -4.80
N GLN A 147 4.60 47.06 -5.87
CA GLN A 147 4.04 45.89 -6.53
C GLN A 147 4.91 45.23 -7.63
N CYS A 148 4.81 43.89 -7.65
CA CYS A 148 5.51 42.90 -8.58
C CYS A 148 4.73 41.52 -8.51
N ASN A 149 4.71 40.79 -9.64
CA ASN A 149 4.49 39.35 -9.66
C ASN A 149 5.85 38.90 -9.26
N PHE A 150 6.08 38.33 -8.04
CA PHE A 150 7.49 37.91 -7.56
C PHE A 150 8.26 36.91 -8.45
N THR A 151 7.61 35.77 -8.75
CA THR A 151 8.15 35.02 -10.04
C THR A 151 8.80 35.59 -11.17
N GLU A 152 8.04 36.42 -11.83
CA GLU A 152 8.66 36.98 -13.10
C GLU A 152 9.33 38.24 -12.92
N ASP A 153 9.03 39.05 -11.83
CA ASP A 153 9.83 40.24 -11.65
C ASP A 153 11.33 40.20 -11.09
N TYR A 154 11.56 39.10 -10.39
CA TYR A 154 12.77 38.85 -9.62
C TYR A 154 13.14 37.33 -9.61
N ALA A 155 12.21 36.44 -9.16
CA ALA A 155 12.73 35.13 -9.00
C ALA A 155 13.42 34.70 -10.32
N GLU A 156 12.81 35.11 -11.45
CA GLU A 156 13.34 34.65 -12.77
C GLU A 156 14.61 35.41 -13.15
N PRO A 157 14.48 36.77 -13.35
CA PRO A 157 15.70 37.60 -13.88
C PRO A 157 16.98 37.48 -13.04
N PHE A 158 17.03 37.33 -11.74
CA PHE A 158 18.28 37.38 -11.17
C PHE A 158 19.24 36.14 -11.20
N PRO A 159 18.78 34.96 -10.79
CA PRO A 159 19.68 33.82 -11.12
C PRO A 159 19.81 33.60 -12.66
N ILE A 160 18.76 33.76 -13.36
CA ILE A 160 18.94 33.35 -14.72
C ILE A 160 19.99 34.33 -15.42
N ARG A 161 20.07 35.59 -14.92
CA ARG A 161 20.73 36.47 -15.80
C ARG A 161 22.18 36.24 -15.46
N ILE A 162 22.44 36.05 -14.12
CA ILE A 162 23.62 35.47 -13.57
C ILE A 162 24.17 34.17 -14.41
N PHE A 163 23.28 33.26 -14.72
CA PHE A 163 23.72 32.09 -15.46
C PHE A 163 24.05 32.34 -16.88
N MET A 164 23.25 33.06 -17.62
CA MET A 164 23.61 33.68 -18.93
C MET A 164 24.87 34.44 -18.80
N LEU A 165 25.08 35.15 -17.73
CA LEU A 165 26.32 35.93 -17.61
C LEU A 165 27.47 34.78 -17.62
N LEU A 166 27.39 33.82 -16.72
CA LEU A 166 28.37 32.76 -16.54
C LEU A 166 28.55 31.84 -17.79
N ALA A 167 27.44 31.49 -18.41
CA ALA A 167 27.48 30.63 -19.57
C ALA A 167 27.93 31.45 -20.78
N GLY A 168 28.24 32.76 -20.64
CA GLY A 168 28.15 33.74 -21.86
C GLY A 168 27.10 33.46 -23.01
N LEU A 169 26.01 32.87 -22.63
CA LEU A 169 24.75 32.98 -23.45
C LEU A 169 23.95 34.37 -23.52
N PRO A 170 23.30 34.76 -24.70
CA PRO A 170 22.63 36.13 -24.83
C PRO A 170 21.33 36.17 -24.12
N GLU A 171 20.89 37.34 -23.66
CA GLU A 171 19.66 37.25 -22.85
C GLU A 171 18.33 37.05 -23.55
N GLU A 172 18.28 37.55 -24.75
CA GLU A 172 17.18 37.27 -25.72
C GLU A 172 16.86 35.75 -25.68
N ASP A 173 17.74 34.89 -25.10
CA ASP A 173 17.51 33.47 -25.35
C ASP A 173 16.75 32.76 -24.24
N ILE A 174 16.80 33.43 -23.08
CA ILE A 174 16.03 33.01 -21.96
C ILE A 174 14.63 32.61 -22.23
N PRO A 175 13.78 33.42 -23.00
CA PRO A 175 12.55 32.70 -22.87
C PRO A 175 12.44 31.28 -23.46
N HIS A 176 13.29 30.92 -24.45
CA HIS A 176 13.22 29.61 -25.08
C HIS A 176 13.89 28.56 -24.14
N LEU A 177 15.06 28.97 -23.61
CA LEU A 177 15.80 28.07 -22.73
C LEU A 177 15.04 27.74 -21.51
N LYS A 178 14.26 28.66 -21.01
CA LYS A 178 13.42 28.46 -19.91
C LYS A 178 12.22 27.56 -20.18
N TYR A 179 11.60 27.80 -21.32
CA TYR A 179 10.39 27.11 -21.55
C TYR A 179 10.85 25.68 -21.71
N LEU A 180 11.95 25.48 -22.49
CA LEU A 180 12.43 24.03 -22.80
C LEU A 180 12.93 23.36 -21.50
N THR A 181 13.38 24.09 -20.55
CA THR A 181 14.05 23.38 -19.37
C THR A 181 12.76 23.04 -18.46
N ASP A 182 11.82 23.90 -18.47
CA ASP A 182 10.69 23.59 -17.66
C ASP A 182 10.05 22.30 -18.17
N GLN A 183 10.04 22.09 -19.54
CA GLN A 183 9.53 20.83 -20.17
C GLN A 183 10.34 19.64 -19.79
N MET A 184 11.54 19.75 -19.27
CA MET A 184 12.07 18.59 -18.55
C MET A 184 11.74 18.46 -17.03
N THR A 185 11.35 19.51 -16.33
CA THR A 185 11.00 19.26 -14.97
C THR A 185 9.53 19.38 -14.62
N ARG A 186 8.79 20.17 -15.41
CA ARG A 186 7.32 20.34 -15.11
C ARG A 186 6.52 20.17 -16.38
N PRO A 187 6.64 19.04 -16.96
CA PRO A 187 6.22 19.01 -18.43
C PRO A 187 4.81 19.39 -18.52
N ASP A 188 4.53 20.37 -19.35
CA ASP A 188 3.14 20.75 -19.81
C ASP A 188 2.37 19.67 -20.58
N GLY A 189 3.15 18.66 -20.99
CA GLY A 189 2.73 17.64 -21.92
C GLY A 189 2.57 18.12 -23.34
N SER A 190 2.85 19.37 -23.60
CA SER A 190 3.14 19.69 -24.96
C SER A 190 4.27 18.80 -25.59
N MET A 191 5.19 18.24 -24.79
CA MET A 191 6.31 17.67 -25.43
C MET A 191 6.91 16.65 -24.53
N THR A 192 7.37 15.54 -25.11
CA THR A 192 8.26 14.53 -24.31
C THR A 192 9.58 15.18 -23.71
N PHE A 193 10.21 14.50 -22.72
CA PHE A 193 11.53 14.93 -22.30
C PHE A 193 12.57 14.86 -23.43
N ALA A 194 12.68 13.65 -24.01
CA ALA A 194 13.42 13.35 -25.18
C ALA A 194 13.21 14.53 -26.09
N GLU A 195 11.95 14.92 -26.39
CA GLU A 195 11.67 16.16 -27.20
C GLU A 195 12.33 17.46 -26.71
N ALA A 196 11.99 17.88 -25.47
CA ALA A 196 12.62 19.05 -24.74
C ALA A 196 14.08 19.07 -24.96
N LYS A 197 14.70 17.86 -24.81
CA LYS A 197 16.13 17.74 -24.57
C LYS A 197 16.84 17.95 -25.94
N GLU A 198 16.55 17.18 -26.99
CA GLU A 198 17.09 17.46 -28.39
C GLU A 198 16.93 18.89 -28.68
N ALA A 199 15.77 19.48 -28.49
CA ALA A 199 15.63 20.87 -28.86
C ALA A 199 16.66 21.69 -28.12
N LEU A 200 16.80 21.48 -26.82
CA LEU A 200 18.01 22.04 -26.15
C LEU A 200 19.46 21.78 -26.69
N TYR A 201 19.80 20.57 -26.86
CA TYR A 201 20.92 20.27 -27.68
C TYR A 201 21.13 21.00 -29.07
N ASP A 202 20.06 21.11 -29.91
CA ASP A 202 20.13 21.93 -31.21
C ASP A 202 20.20 23.38 -31.02
N TYR A 203 19.98 23.79 -29.73
CA TYR A 203 20.44 25.19 -29.49
C TYR A 203 21.99 25.08 -29.16
N LEU A 204 22.27 24.34 -28.14
CA LEU A 204 23.72 24.11 -27.70
C LEU A 204 24.58 23.85 -28.78
N ILE A 205 24.13 23.08 -29.76
CA ILE A 205 25.26 22.27 -30.58
C ILE A 205 26.06 23.17 -31.50
N PRO A 206 25.45 24.19 -31.94
CA PRO A 206 26.09 25.20 -32.67
C PRO A 206 27.06 26.02 -31.79
N ILE A 207 26.68 26.37 -30.57
CA ILE A 207 27.53 27.30 -29.79
C ILE A 207 28.76 26.43 -29.40
N ILE A 208 28.51 25.15 -29.25
CA ILE A 208 29.65 24.38 -28.65
C ILE A 208 30.75 24.45 -29.70
N GLU A 209 30.33 24.49 -30.95
CA GLU A 209 31.16 24.09 -32.09
C GLU A 209 31.95 25.31 -32.32
N GLN A 210 31.33 26.50 -32.04
CA GLN A 210 31.91 27.78 -32.26
C GLN A 210 33.03 27.87 -31.30
N ARG A 211 32.69 27.48 -30.06
CA ARG A 211 33.53 27.77 -28.85
C ARG A 211 34.81 26.88 -28.79
N ARG A 212 34.76 25.66 -29.35
CA ARG A 212 35.94 24.81 -29.54
C ARG A 212 36.97 25.35 -30.58
N GLN A 213 36.40 26.11 -31.50
CA GLN A 213 37.15 26.88 -32.43
C GLN A 213 37.70 28.24 -31.85
N LYS A 214 36.80 29.08 -31.26
CA LYS A 214 37.11 30.42 -30.66
C LYS A 214 36.78 30.31 -29.13
N PRO A 215 37.69 29.63 -28.32
CA PRO A 215 37.70 29.20 -26.89
C PRO A 215 37.74 30.40 -25.95
N GLY A 216 36.91 30.42 -24.87
CA GLY A 216 36.60 31.67 -24.33
C GLY A 216 36.93 31.45 -22.93
N THR A 217 36.41 32.33 -22.03
CA THR A 217 36.42 32.20 -20.56
C THR A 217 35.02 31.86 -19.94
N ASP A 218 33.98 31.66 -20.73
CA ASP A 218 32.67 31.19 -20.09
C ASP A 218 32.41 29.71 -19.89
N ALA A 219 31.42 29.35 -19.08
CA ALA A 219 31.16 27.98 -18.83
C ALA A 219 31.20 27.18 -20.12
N ILE A 220 30.61 27.67 -21.21
CA ILE A 220 30.53 26.73 -22.42
C ILE A 220 31.80 26.49 -23.12
N SER A 221 32.66 27.51 -23.31
CA SER A 221 33.96 27.23 -23.89
C SER A 221 34.95 26.28 -23.06
N ILE A 222 34.94 26.47 -21.73
CA ILE A 222 35.90 25.75 -20.86
C ILE A 222 35.37 24.35 -20.77
N VAL A 223 34.09 24.25 -20.86
CA VAL A 223 33.53 22.92 -20.85
C VAL A 223 33.76 22.31 -22.12
N ALA A 224 33.38 23.01 -23.16
CA ALA A 224 33.83 22.63 -24.57
C ALA A 224 35.25 22.26 -24.64
N ASN A 225 36.11 23.01 -24.03
CA ASN A 225 37.53 22.83 -24.36
C ASN A 225 38.32 22.12 -23.26
N GLY A 226 37.67 21.46 -22.30
CA GLY A 226 38.41 20.78 -21.18
C GLY A 226 38.74 19.34 -21.54
N GLN A 227 39.36 18.67 -20.62
CA GLN A 227 39.73 17.35 -21.00
C GLN A 227 39.34 16.49 -19.97
N VAL A 228 39.11 15.28 -20.43
CA VAL A 228 38.80 14.37 -19.42
C VAL A 228 39.36 13.13 -19.67
N ASN A 229 39.63 12.61 -18.56
CA ASN A 229 40.08 11.36 -18.30
C ASN A 229 41.59 11.35 -18.53
N GLY A 230 42.04 12.39 -19.29
CA GLY A 230 43.34 12.42 -19.83
C GLY A 230 43.41 12.59 -21.40
N ARG A 231 42.29 12.92 -22.12
CA ARG A 231 42.07 13.36 -23.63
C ARG A 231 40.91 14.50 -23.90
N PRO A 232 40.93 15.29 -25.04
CA PRO A 232 39.76 16.13 -25.38
C PRO A 232 38.38 15.52 -25.16
N ILE A 233 37.51 16.33 -24.58
CA ILE A 233 36.07 16.07 -24.34
C ILE A 233 35.51 16.24 -25.74
N THR A 234 34.47 15.52 -26.09
CA THR A 234 34.13 15.52 -27.53
C THR A 234 33.03 16.41 -27.59
N SER A 235 32.57 16.76 -28.77
CA SER A 235 31.46 17.64 -28.82
C SER A 235 30.23 17.08 -28.20
N ASP A 236 29.86 15.88 -28.54
CA ASP A 236 28.79 15.18 -27.90
C ASP A 236 28.86 15.17 -26.33
N GLU A 237 30.00 14.94 -25.69
CA GLU A 237 29.85 15.00 -24.20
C GLU A 237 29.65 16.35 -23.51
N ALA A 238 30.14 17.39 -24.14
CA ALA A 238 30.08 18.73 -23.75
C ALA A 238 28.73 19.25 -23.84
N LYS A 239 27.99 18.72 -24.85
CA LYS A 239 26.53 18.96 -25.08
C LYS A 239 25.66 18.36 -23.83
N ARG A 240 25.90 17.10 -23.52
CA ARG A 240 25.33 16.55 -22.33
C ARG A 240 26.03 17.14 -21.18
N MET A 241 27.37 17.56 -21.23
CA MET A 241 27.78 18.38 -20.05
C MET A 241 26.89 19.69 -19.90
N CYS A 242 26.37 20.17 -21.01
CA CYS A 242 25.79 21.53 -20.76
C CYS A 242 24.17 21.56 -20.21
N GLY A 243 23.55 20.47 -20.36
CA GLY A 243 22.21 20.53 -20.32
C GLY A 243 21.94 20.14 -18.84
N ALA A 244 22.82 19.50 -18.11
CA ALA A 244 22.59 19.78 -16.67
C ALA A 244 22.61 21.31 -16.57
N LEU A 245 23.82 21.87 -16.62
CA LEU A 245 23.95 23.32 -16.23
C LEU A 245 22.68 24.16 -16.52
N LEU A 246 22.29 24.35 -17.84
CA LEU A 246 21.09 25.08 -18.38
C LEU A 246 19.77 24.93 -17.45
N VAL A 247 19.72 23.90 -16.52
CA VAL A 247 18.64 23.39 -15.50
C VAL A 247 18.81 23.88 -14.02
N GLY A 248 20.04 23.90 -13.60
CA GLY A 248 20.22 24.32 -12.26
C GLY A 248 20.27 25.87 -12.40
N GLY A 249 20.84 26.33 -13.51
CA GLY A 249 20.79 27.70 -13.79
C GLY A 249 19.48 28.35 -14.24
N LEU A 250 18.66 27.68 -15.09
CA LEU A 250 17.28 28.26 -15.31
C LEU A 250 16.07 27.97 -14.24
N ASP A 251 16.35 27.10 -13.27
CA ASP A 251 15.26 26.34 -12.70
C ASP A 251 15.39 25.49 -11.45
N THR A 252 16.22 25.73 -10.54
CA THR A 252 16.03 25.14 -9.24
C THR A 252 16.04 26.45 -8.39
N VAL A 253 17.23 27.14 -8.35
CA VAL A 253 17.25 28.49 -7.76
C VAL A 253 15.96 29.47 -7.89
N VAL A 254 15.33 29.58 -9.06
CA VAL A 254 14.40 30.49 -9.33
C VAL A 254 13.20 30.08 -8.75
N ASN A 255 12.91 28.80 -8.84
CA ASN A 255 11.85 28.40 -7.97
C ASN A 255 11.97 28.53 -6.46
N PHE A 256 13.04 28.13 -5.90
CA PHE A 256 13.30 28.18 -4.40
C PHE A 256 13.24 29.56 -3.83
N LEU A 257 13.80 30.49 -4.57
CA LEU A 257 13.36 31.93 -4.34
C LEU A 257 11.66 32.20 -4.08
N SER A 258 10.80 31.64 -4.87
CA SER A 258 9.31 31.95 -4.79
C SER A 258 8.83 31.27 -3.51
N PHE A 259 9.31 30.03 -3.42
CA PHE A 259 9.36 29.49 -2.15
C PHE A 259 9.65 30.45 -1.04
N SER A 260 10.77 31.09 -0.93
CA SER A 260 10.96 31.66 0.31
C SER A 260 10.46 32.98 0.42
N MET A 261 10.40 33.78 -0.64
CA MET A 261 9.70 35.09 -0.48
C MET A 261 8.28 34.78 -0.12
N GLU A 262 7.72 33.73 -0.75
CA GLU A 262 6.52 33.23 -0.33
C GLU A 262 6.28 33.38 1.15
N PHE A 263 7.13 32.65 1.78
CA PHE A 263 7.38 32.65 3.14
C PHE A 263 7.62 33.94 3.68
N LEU A 264 8.56 34.77 3.19
CA LEU A 264 8.88 36.01 3.90
C LEU A 264 7.63 36.90 3.97
N ALA A 265 6.83 36.87 2.91
CA ALA A 265 5.53 37.46 2.90
C ALA A 265 4.28 37.28 3.90
N LYS A 266 4.06 36.07 4.51
CA LYS A 266 3.02 35.75 5.65
C LYS A 266 3.72 35.72 7.06
N SER A 267 4.93 36.19 7.13
CA SER A 267 5.51 35.94 8.48
C SER A 267 6.41 37.05 8.97
N PRO A 268 5.71 38.14 9.31
CA PRO A 268 6.31 39.34 9.86
C PRO A 268 7.71 39.13 10.39
N GLU A 269 7.80 38.18 11.35
CA GLU A 269 8.91 38.06 12.36
C GLU A 269 10.04 37.31 11.87
N HIS A 270 9.98 36.64 10.69
CA HIS A 270 11.11 35.97 10.24
C HIS A 270 11.67 37.17 9.54
N ARG A 271 10.90 37.84 8.69
CA ARG A 271 11.30 39.16 8.22
C ARG A 271 11.89 39.98 9.41
N GLN A 272 11.33 39.96 10.62
CA GLN A 272 11.80 40.92 11.65
C GLN A 272 13.03 40.57 12.44
N GLU A 273 13.14 39.26 12.68
CA GLU A 273 14.28 38.61 13.13
C GLU A 273 15.42 38.78 12.11
N LEU A 274 15.17 38.94 10.81
CA LEU A 274 16.33 38.99 9.83
C LEU A 274 17.10 40.34 9.66
N ILE A 275 16.38 41.38 10.00
CA ILE A 275 16.70 42.67 9.69
C ILE A 275 17.46 43.07 10.97
N GLU A 276 17.36 42.28 11.97
CA GLU A 276 18.13 42.75 13.02
C GLU A 276 18.92 41.71 13.54
N ARG A 277 18.96 40.64 12.75
CA ARG A 277 20.03 39.64 12.87
C ARG A 277 21.04 39.34 11.63
N PRO A 278 21.11 40.30 10.77
CA PRO A 278 21.97 40.15 9.61
C PRO A 278 23.00 39.06 9.79
N GLU A 279 23.62 38.90 10.87
CA GLU A 279 24.29 37.62 10.80
C GLU A 279 23.45 36.30 11.08
N ARG A 280 22.18 36.25 11.65
CA ARG A 280 21.37 34.98 11.39
C ARG A 280 21.18 34.57 9.77
N ILE A 281 21.53 35.44 8.81
CA ILE A 281 21.14 35.17 7.40
C ILE A 281 21.65 33.84 6.85
N PRO A 282 22.99 33.61 6.76
CA PRO A 282 23.48 32.20 6.84
C PRO A 282 22.49 31.17 7.41
N ALA A 283 22.27 31.03 8.74
CA ALA A 283 21.22 30.02 9.38
C ALA A 283 19.83 30.04 8.78
N ALA A 284 19.31 31.21 8.67
CA ALA A 284 18.09 31.39 7.90
C ALA A 284 17.75 30.74 6.50
N CYS A 285 18.61 31.04 5.51
CA CYS A 285 18.98 30.36 4.24
C CYS A 285 19.13 28.82 4.35
N GLU A 286 19.98 28.34 5.22
CA GLU A 286 19.92 26.92 5.67
C GLU A 286 18.54 26.36 6.11
N GLU A 287 17.85 27.12 6.93
CA GLU A 287 16.60 26.59 7.29
C GLU A 287 15.57 26.61 6.18
N LEU A 288 15.52 27.68 5.40
CA LEU A 288 14.66 27.77 4.13
C LEU A 288 15.00 26.67 3.05
N LEU A 289 16.26 26.36 2.79
CA LEU A 289 16.63 25.05 2.17
C LEU A 289 15.96 23.75 2.73
N ARG A 290 15.94 23.40 4.09
CA ARG A 290 15.20 22.28 4.58
C ARG A 290 13.61 22.45 4.30
N ARG A 291 13.18 23.65 4.69
CA ARG A 291 11.83 23.80 4.76
C ARG A 291 11.37 23.96 3.24
N PHE A 292 11.96 24.81 2.42
CA PHE A 292 11.51 24.63 0.97
C PHE A 292 12.33 23.77 0.09
N SER A 293 13.07 22.82 0.70
CA SER A 293 13.54 21.82 -0.22
C SER A 293 12.61 21.58 -1.40
N LEU A 294 13.22 21.18 -2.53
CA LEU A 294 12.36 21.00 -3.63
C LEU A 294 12.65 20.06 -4.78
N VAL A 295 13.75 19.25 -4.73
CA VAL A 295 14.10 18.55 -5.98
C VAL A 295 13.60 17.13 -5.81
N ALA A 296 13.32 16.38 -6.91
CA ALA A 296 13.11 14.95 -6.67
C ALA A 296 13.48 14.12 -7.77
N ASP A 297 14.48 13.34 -7.74
CA ASP A 297 14.74 12.64 -8.89
C ASP A 297 15.05 11.25 -8.48
N GLY A 298 15.64 10.32 -9.36
CA GLY A 298 15.99 8.96 -8.88
C GLY A 298 17.22 8.14 -9.23
N ARG A 299 16.92 6.81 -9.33
CA ARG A 299 17.87 5.78 -9.47
C ARG A 299 17.20 4.60 -10.15
N ILE A 300 17.95 3.66 -10.78
CA ILE A 300 17.27 2.50 -11.31
C ILE A 300 17.98 1.33 -10.65
N LEU A 301 17.40 0.22 -10.38
CA LEU A 301 18.11 -0.79 -9.74
C LEU A 301 18.94 -1.48 -10.81
N THR A 302 20.23 -1.66 -10.54
CA THR A 302 21.19 -2.50 -11.25
C THR A 302 21.10 -4.05 -11.44
N SER A 303 20.33 -4.63 -10.49
CA SER A 303 20.17 -5.98 -10.04
C SER A 303 18.84 -6.09 -9.22
N ASP A 304 18.25 -7.29 -9.11
CA ASP A 304 17.46 -7.69 -7.91
C ASP A 304 18.14 -7.36 -6.55
N TYR A 305 17.45 -6.69 -5.69
CA TYR A 305 18.07 -6.35 -4.38
C TYR A 305 17.00 -6.11 -3.39
N GLU A 306 17.28 -6.68 -2.23
CA GLU A 306 16.38 -6.66 -1.09
C GLU A 306 16.76 -5.46 -0.17
N PHE A 307 15.93 -4.38 -0.19
CA PHE A 307 16.25 -3.18 0.66
C PHE A 307 15.38 -3.09 1.79
N HIS A 308 15.80 -3.00 3.06
CA HIS A 308 14.87 -2.91 4.26
C HIS A 308 13.71 -3.86 4.18
N GLY A 309 13.93 -5.15 3.75
CA GLY A 309 12.85 -6.18 3.83
C GLY A 309 11.91 -6.18 2.61
N VAL A 310 12.24 -5.44 1.55
CA VAL A 310 11.27 -5.16 0.48
C VAL A 310 12.13 -5.63 -0.69
N GLN A 311 11.67 -6.57 -1.49
CA GLN A 311 12.28 -7.01 -2.76
C GLN A 311 12.20 -6.02 -4.00
N LEU A 312 13.34 -5.32 -4.24
CA LEU A 312 13.54 -4.49 -5.41
C LEU A 312 14.11 -5.48 -6.33
N LYS A 313 13.71 -5.32 -7.61
CA LYS A 313 14.27 -6.03 -8.73
C LYS A 313 15.16 -5.22 -9.75
N LYS A 314 15.88 -5.94 -10.57
CA LYS A 314 16.68 -5.37 -11.64
C LYS A 314 15.91 -4.38 -12.42
N GLY A 315 16.40 -3.16 -12.55
CA GLY A 315 15.70 -2.29 -13.58
C GLY A 315 14.61 -1.51 -12.97
N ASP A 316 14.02 -1.92 -11.93
CA ASP A 316 12.93 -1.04 -11.22
C ASP A 316 13.41 0.36 -10.90
N GLN A 317 12.59 1.40 -11.03
CA GLN A 317 12.99 2.83 -10.63
C GLN A 317 12.52 3.18 -9.17
N ILE A 318 13.26 4.04 -8.51
CA ILE A 318 13.05 4.46 -7.13
C ILE A 318 13.46 5.95 -7.20
N LEU A 319 12.38 6.69 -6.96
CA LEU A 319 12.22 8.12 -6.53
C LEU A 319 12.85 8.17 -5.02
N LEU A 320 13.71 9.07 -4.73
CA LEU A 320 14.48 9.25 -3.42
C LEU A 320 14.37 10.75 -3.32
N PRO A 321 13.14 11.24 -2.98
CA PRO A 321 12.91 12.73 -2.99
C PRO A 321 13.91 13.46 -2.09
N GLN A 322 14.72 14.30 -2.72
CA GLN A 322 15.84 15.03 -1.93
C GLN A 322 15.18 15.90 -0.91
N MET A 323 14.02 16.37 -1.32
CA MET A 323 12.98 17.11 -0.63
C MET A 323 12.39 16.53 0.68
N LEU A 324 12.03 15.24 0.67
CA LEU A 324 11.74 14.54 1.88
C LEU A 324 12.62 14.50 3.11
N SER A 325 13.88 14.39 2.92
CA SER A 325 14.80 13.97 4.01
C SER A 325 14.62 14.98 5.17
N GLY A 326 14.76 16.28 4.80
CA GLY A 326 14.63 17.39 5.69
C GLY A 326 13.24 17.61 6.14
N LEU A 327 12.25 16.98 5.52
CA LEU A 327 10.90 17.11 5.99
C LEU A 327 10.41 16.01 7.06
N ASP A 328 11.21 15.02 7.36
CA ASP A 328 10.86 13.82 8.08
C ASP A 328 11.09 14.18 9.48
N GLU A 329 10.02 14.23 10.27
CA GLU A 329 10.06 14.32 11.71
C GLU A 329 11.02 13.56 12.61
N ARG A 330 11.66 12.46 12.16
CA ARG A 330 12.92 11.88 12.82
C ARG A 330 14.34 12.41 12.48
N GLU A 331 14.49 13.21 11.43
CA GLU A 331 15.71 13.92 11.18
C GLU A 331 15.54 15.36 11.74
N ASN A 332 14.29 15.85 11.79
CA ASN A 332 13.83 17.17 12.43
C ASN A 332 12.46 17.30 13.12
N ALA A 333 12.48 17.47 14.48
CA ALA A 333 11.26 17.97 15.34
C ALA A 333 10.31 19.13 14.78
N ALA A 334 9.06 18.90 14.69
CA ALA A 334 8.30 19.83 13.90
C ALA A 334 8.63 20.13 12.33
N PRO A 335 8.63 19.11 11.50
CA PRO A 335 9.02 19.37 10.17
C PRO A 335 8.52 20.68 9.49
N MET A 336 7.26 21.04 9.57
CA MET A 336 6.64 22.18 8.84
C MET A 336 6.94 23.59 9.36
N HIS A 337 7.41 23.63 10.61
CA HIS A 337 7.53 24.89 11.28
C HIS A 337 9.01 25.35 10.93
N VAL A 338 9.02 26.40 10.16
CA VAL A 338 10.08 27.29 10.18
C VAL A 338 10.75 27.80 11.54
N ASP A 339 11.98 27.35 11.93
CA ASP A 339 12.89 28.10 12.96
C ASP A 339 14.32 28.41 12.64
N PHE A 340 14.63 29.69 12.67
CA PHE A 340 15.91 30.19 12.44
C PHE A 340 17.15 29.76 13.27
N SER A 341 17.01 29.32 14.54
CA SER A 341 18.19 28.86 15.23
C SER A 341 18.18 27.38 15.36
N ARG A 342 17.40 26.70 14.48
CA ARG A 342 17.44 25.25 14.51
C ARG A 342 18.75 24.87 14.80
N GLN A 343 18.98 24.04 15.84
CA GLN A 343 20.38 23.68 16.36
C GLN A 343 21.16 22.70 15.43
N LYS A 344 20.36 21.90 14.74
CA LYS A 344 20.83 21.13 13.49
C LYS A 344 19.65 21.11 12.53
N VAL A 345 19.88 21.78 11.40
CA VAL A 345 19.13 21.82 10.14
C VAL A 345 19.48 20.55 9.50
N SER A 346 18.76 19.51 9.78
CA SER A 346 19.18 18.31 8.99
C SER A 346 18.66 18.32 7.45
N HIS A 347 19.47 18.18 6.40
CA HIS A 347 18.87 17.91 5.01
C HIS A 347 19.70 17.30 3.85
N THR A 348 18.93 17.03 2.75
CA THR A 348 19.46 16.62 1.57
C THR A 348 18.91 17.51 0.43
N THR A 349 18.48 18.78 0.72
CA THR A 349 18.04 19.66 -0.31
C THR A 349 18.93 19.77 -1.61
N PHE A 350 20.21 19.80 -1.30
CA PHE A 350 21.28 19.75 -2.26
C PHE A 350 21.68 18.34 -2.85
N GLY A 351 20.92 17.32 -2.36
CA GLY A 351 21.17 15.89 -2.71
C GLY A 351 21.90 15.18 -1.57
N HIS A 352 22.20 13.92 -1.78
CA HIS A 352 23.08 13.17 -0.96
C HIS A 352 24.08 12.23 -1.87
N GLY A 353 25.35 11.99 -1.48
CA GLY A 353 26.04 10.98 -2.29
C GLY A 353 27.10 11.66 -3.21
N SER A 354 27.66 10.84 -4.20
CA SER A 354 28.56 11.33 -5.25
C SER A 354 28.01 12.54 -5.86
N HIS A 355 26.66 12.62 -6.05
CA HIS A 355 26.10 13.68 -6.96
C HIS A 355 25.77 15.03 -6.35
N LEU A 356 26.23 15.30 -5.10
CA LEU A 356 25.97 16.59 -4.26
C LEU A 356 25.99 17.83 -5.04
N CYS A 357 24.97 18.67 -4.97
CA CYS A 357 24.79 19.70 -5.99
C CYS A 357 26.14 20.54 -6.17
N LEU A 358 26.65 20.46 -7.44
CA LEU A 358 27.84 21.34 -7.90
C LEU A 358 27.47 22.82 -7.71
N GLY A 359 26.21 23.15 -8.12
CA GLY A 359 25.56 24.55 -8.05
C GLY A 359 25.20 25.11 -6.62
N GLN A 360 25.58 24.43 -5.55
CA GLN A 360 25.15 24.85 -4.19
C GLN A 360 25.66 26.17 -3.75
N HIS A 361 26.89 26.49 -4.10
CA HIS A 361 27.56 27.57 -3.43
C HIS A 361 26.88 28.86 -4.00
N LEU A 362 26.50 28.64 -5.26
CA LEU A 362 25.89 29.74 -6.08
C LEU A 362 24.51 29.86 -5.73
N ALA A 363 23.88 28.76 -5.62
CA ALA A 363 22.44 28.90 -5.12
C ALA A 363 22.59 29.76 -3.88
N ARG A 364 23.41 29.33 -2.95
CA ARG A 364 23.35 29.98 -1.65
C ARG A 364 23.55 31.50 -1.59
N ARG A 365 24.74 31.77 -2.02
CA ARG A 365 25.06 33.04 -2.44
C ARG A 365 23.85 33.73 -2.83
N GLU A 366 23.24 33.22 -3.91
CA GLU A 366 22.19 33.94 -4.52
C GLU A 366 21.05 34.06 -3.58
N ILE A 367 20.79 33.07 -2.77
CA ILE A 367 19.57 33.17 -1.58
C ILE A 367 19.85 34.24 -0.50
N ILE A 368 21.10 34.27 -0.02
CA ILE A 368 21.69 35.13 0.93
C ILE A 368 21.63 36.62 0.56
N VAL A 369 21.99 36.87 -0.62
CA VAL A 369 22.19 38.29 -0.99
C VAL A 369 20.74 38.75 -1.19
N THR A 370 20.07 37.85 -1.77
CA THR A 370 18.72 38.12 -2.09
C THR A 370 18.07 38.59 -0.78
N LEU A 371 18.28 37.90 0.34
CA LEU A 371 17.32 38.13 1.48
C LEU A 371 17.99 39.44 2.01
N LYS A 372 19.28 39.63 1.79
CA LYS A 372 19.99 40.70 2.60
C LYS A 372 19.57 41.88 1.84
N GLU A 373 19.82 41.86 0.52
CA GLU A 373 19.12 43.02 -0.17
C GLU A 373 17.59 43.26 -0.17
N TRP A 374 16.84 42.28 -0.52
CA TRP A 374 15.35 42.47 -0.32
C TRP A 374 14.92 43.12 1.03
N LEU A 375 15.34 42.53 2.23
CA LEU A 375 14.86 43.02 3.60
C LEU A 375 15.46 44.41 3.83
N THR A 376 16.68 44.48 3.30
CA THR A 376 17.36 45.84 3.45
C THR A 376 16.44 47.03 2.83
N ARG A 377 16.12 46.98 1.53
CA ARG A 377 15.29 48.08 0.89
C ARG A 377 13.73 47.93 0.99
N ILE A 378 13.23 46.69 1.18
CA ILE A 378 11.64 46.44 1.23
C ILE A 378 11.10 45.60 2.27
N PRO A 379 11.39 45.98 3.54
CA PRO A 379 11.33 45.24 4.85
C PRO A 379 9.92 44.58 5.23
N ASP A 380 8.88 45.22 4.71
CA ASP A 380 7.59 45.05 5.00
C ASP A 380 6.85 44.83 3.70
N PHE A 381 6.36 43.67 3.41
CA PHE A 381 5.63 43.50 2.18
C PHE A 381 4.68 42.34 2.32
N SER A 382 3.63 42.23 1.53
CA SER A 382 2.70 41.22 1.97
C SER A 382 2.28 40.40 0.64
N ILE A 383 1.76 39.17 0.73
CA ILE A 383 0.76 38.79 -0.25
C ILE A 383 -0.36 39.67 -0.71
N ALA A 384 -0.45 39.97 -2.00
CA ALA A 384 -1.30 40.97 -2.72
C ALA A 384 -2.59 40.34 -2.32
N PRO A 385 -3.56 41.16 -2.02
CA PRO A 385 -4.65 40.49 -1.25
C PRO A 385 -5.92 39.70 -1.77
N GLY A 386 -6.35 38.74 -0.96
CA GLY A 386 -7.37 37.90 -1.55
C GLY A 386 -6.73 36.78 -2.40
N ALA A 387 -5.44 36.86 -2.72
CA ALA A 387 -4.95 35.83 -3.67
C ALA A 387 -4.57 34.57 -2.92
N GLN A 388 -5.08 33.51 -3.44
CA GLN A 388 -4.49 32.30 -3.09
C GLN A 388 -3.21 31.84 -4.02
N ILE A 389 -2.09 31.68 -3.40
CA ILE A 389 -0.76 31.26 -4.09
C ILE A 389 -0.78 29.80 -4.62
N GLN A 390 -0.69 29.60 -5.99
CA GLN A 390 -0.46 28.19 -6.49
C GLN A 390 1.02 27.53 -6.65
N HIS A 391 1.25 26.31 -6.17
CA HIS A 391 2.53 25.52 -6.55
C HIS A 391 2.32 24.37 -7.51
N LYS A 392 3.33 23.94 -8.22
CA LYS A 392 3.10 22.92 -9.25
C LYS A 392 4.02 21.98 -8.71
N SER A 393 3.91 20.75 -9.14
CA SER A 393 4.75 19.67 -8.53
C SER A 393 5.61 18.99 -9.59
N GLY A 394 6.94 18.80 -9.40
CA GLY A 394 7.63 17.94 -10.41
C GLY A 394 8.93 17.42 -9.93
N ILE A 395 9.86 17.28 -10.88
CA ILE A 395 11.25 16.88 -10.55
C ILE A 395 11.89 18.10 -9.95
N VAL A 396 11.31 19.24 -10.34
CA VAL A 396 11.68 20.44 -9.62
C VAL A 396 10.40 21.02 -9.23
N SER A 397 10.07 21.02 -7.93
CA SER A 397 8.79 21.73 -7.65
C SER A 397 8.80 23.32 -7.76
N GLY A 398 7.62 23.87 -7.95
CA GLY A 398 7.46 25.25 -8.68
C GLY A 398 6.46 26.17 -7.95
N VAL A 399 6.53 27.52 -8.14
CA VAL A 399 5.46 28.47 -7.71
C VAL A 399 4.76 29.11 -8.94
N GLN A 400 3.46 28.91 -9.19
CA GLN A 400 2.99 29.55 -10.37
C GLN A 400 3.07 31.05 -10.30
N ALA A 401 2.63 31.67 -9.19
CA ALA A 401 2.49 33.12 -9.27
C ALA A 401 2.39 33.61 -7.95
N LEU A 402 2.86 34.78 -7.62
CA LEU A 402 3.22 35.27 -6.25
C LEU A 402 3.11 36.75 -6.49
N PRO A 403 1.85 37.32 -6.54
CA PRO A 403 1.66 38.85 -6.60
C PRO A 403 2.14 39.39 -5.27
N LEU A 404 3.16 40.33 -5.26
CA LEU A 404 3.57 41.03 -3.98
C LEU A 404 3.18 42.48 -3.93
N VAL A 405 2.75 42.98 -2.68
CA VAL A 405 2.25 44.38 -2.26
C VAL A 405 2.97 45.02 -0.99
N TRP A 406 3.23 46.32 -0.99
CA TRP A 406 4.01 47.04 0.01
C TRP A 406 3.52 48.57 -0.13
N ASP A 407 3.50 49.26 1.06
CA ASP A 407 3.71 50.70 1.05
C ASP A 407 5.15 51.16 0.71
N PRO A 408 5.39 51.72 -0.49
CA PRO A 408 6.67 52.46 -0.83
C PRO A 408 7.15 53.57 0.13
N ALA A 409 6.27 54.40 0.75
CA ALA A 409 6.63 55.14 1.96
C ALA A 409 7.59 54.23 2.96
N THR A 410 7.37 52.94 2.99
CA THR A 410 8.27 52.10 3.94
C THR A 410 9.54 51.39 3.40
N THR A 411 9.95 51.81 2.25
CA THR A 411 11.12 51.33 1.58
C THR A 411 12.28 52.31 1.72
N LYS A 412 13.50 51.77 1.34
CA LYS A 412 14.82 52.38 1.56
C LYS A 412 15.60 52.16 0.26
N ALA A 413 16.02 53.33 -0.21
CA ALA A 413 16.92 53.38 -1.31
C ALA A 413 18.38 53.13 -0.64
N VAL A 414 19.14 52.17 -1.16
CA VAL A 414 20.59 52.09 -0.79
C VAL A 414 21.64 52.74 -1.76
N ASN B 10 -36.60 -36.55 0.48
CA ASN B 10 -36.41 -37.82 -0.10
C ASN B 10 -35.53 -38.79 0.81
N LEU B 11 -36.10 -39.87 1.41
CA LEU B 11 -35.27 -40.70 2.38
C LEU B 11 -34.50 -42.00 1.90
N ALA B 12 -33.24 -41.88 1.64
CA ALA B 12 -32.50 -43.07 1.05
C ALA B 12 -32.77 -44.33 2.01
N PRO B 13 -33.10 -45.45 1.40
CA PRO B 13 -33.52 -46.77 2.00
C PRO B 13 -32.52 -47.19 3.03
N LEU B 14 -32.86 -47.81 4.14
CA LEU B 14 -31.78 -48.29 5.08
C LEU B 14 -30.95 -49.53 4.64
N PRO B 15 -29.60 -49.33 4.48
CA PRO B 15 -28.40 -50.21 4.52
C PRO B 15 -28.27 -51.20 5.70
N PRO B 16 -28.16 -52.46 5.31
CA PRO B 16 -28.18 -53.70 5.98
C PRO B 16 -27.33 -53.74 7.08
N HIS B 17 -26.11 -53.25 6.94
CA HIS B 17 -25.32 -53.01 8.18
C HIS B 17 -25.83 -51.99 9.28
N VAL B 18 -26.75 -51.14 8.91
CA VAL B 18 -27.20 -50.08 9.83
C VAL B 18 -28.41 -50.43 10.66
N PRO B 19 -28.20 -50.50 11.99
CA PRO B 19 -29.10 -51.02 12.89
C PRO B 19 -30.19 -49.94 13.14
N GLU B 20 -31.45 -50.34 13.41
CA GLU B 20 -32.37 -49.35 13.14
C GLU B 20 -32.29 -48.43 14.23
N HIS B 21 -31.75 -48.91 15.35
CA HIS B 21 -31.99 -48.17 16.51
C HIS B 21 -30.98 -47.06 16.45
N LEU B 22 -30.08 -47.21 15.51
CA LEU B 22 -29.18 -46.13 15.24
C LEU B 22 -29.57 -45.07 14.21
N VAL B 23 -30.85 -45.16 13.74
CA VAL B 23 -31.28 -44.20 12.74
C VAL B 23 -31.92 -42.86 13.37
N PHE B 24 -31.43 -41.67 12.93
CA PHE B 24 -31.97 -40.37 13.20
C PHE B 24 -31.78 -39.57 11.95
N ASP B 25 -32.81 -39.18 11.21
CA ASP B 25 -32.64 -38.57 9.93
C ASP B 25 -32.49 -37.06 9.88
N PHE B 26 -31.44 -36.60 10.52
CA PHE B 26 -30.99 -35.20 10.34
C PHE B 26 -30.67 -34.89 8.94
N ASP B 27 -31.35 -33.83 8.43
CA ASP B 27 -30.99 -33.13 7.14
C ASP B 27 -30.01 -31.96 7.40
N MET B 28 -28.75 -32.10 6.94
CA MET B 28 -27.71 -31.11 7.19
C MET B 28 -27.83 -29.71 6.27
N TYR B 29 -28.36 -29.81 5.03
CA TYR B 29 -28.82 -28.65 4.21
C TYR B 29 -30.18 -27.94 4.60
N ASN B 30 -31.01 -28.54 5.48
CA ASN B 30 -32.29 -28.02 5.97
C ASN B 30 -32.79 -28.74 7.27
N PRO B 31 -32.24 -28.38 8.40
CA PRO B 31 -32.65 -29.18 9.52
C PRO B 31 -34.02 -28.70 10.05
N SER B 32 -34.81 -29.64 10.53
CA SER B 32 -36.11 -29.41 11.05
C SER B 32 -36.27 -28.07 11.87
N ASN B 33 -35.28 -27.69 12.70
CA ASN B 33 -35.72 -26.67 13.63
C ASN B 33 -34.91 -25.45 13.32
N LEU B 34 -34.70 -25.24 12.02
CA LEU B 34 -33.72 -24.20 11.64
C LEU B 34 -34.26 -22.79 12.27
N SER B 35 -35.55 -22.69 12.57
CA SER B 35 -36.12 -21.36 12.89
C SER B 35 -35.56 -20.98 14.28
N ALA B 36 -35.11 -22.04 14.95
CA ALA B 36 -34.35 -21.93 16.15
C ALA B 36 -33.08 -21.15 16.01
N GLY B 37 -32.63 -20.97 14.77
CA GLY B 37 -31.24 -20.62 14.53
C GLY B 37 -30.33 -21.81 14.42
N VAL B 38 -29.20 -21.65 13.74
CA VAL B 38 -28.64 -22.83 13.08
C VAL B 38 -27.85 -23.58 14.18
N GLN B 39 -27.18 -22.93 15.15
CA GLN B 39 -26.53 -23.85 16.16
C GLN B 39 -27.43 -24.67 17.05
N GLU B 40 -28.63 -24.11 17.25
CA GLU B 40 -29.54 -24.69 18.15
C GLU B 40 -30.13 -25.87 17.36
N ALA B 41 -30.49 -25.71 16.07
CA ALA B 41 -30.82 -26.97 15.15
C ALA B 41 -29.88 -28.19 15.38
N TRP B 42 -28.56 -27.94 15.28
CA TRP B 42 -27.64 -29.01 15.08
C TRP B 42 -27.44 -29.44 16.39
N ALA B 43 -27.38 -28.56 17.38
CA ALA B 43 -27.18 -29.14 18.65
C ALA B 43 -28.54 -29.99 18.89
N VAL B 44 -29.52 -30.09 17.96
CA VAL B 44 -30.55 -31.00 18.33
C VAL B 44 -29.90 -32.36 18.32
N LEU B 45 -28.71 -32.45 17.81
CA LEU B 45 -28.19 -33.88 17.77
C LEU B 45 -27.61 -34.40 19.05
N GLN B 46 -27.50 -33.54 20.05
CA GLN B 46 -26.87 -33.78 21.34
C GLN B 46 -27.73 -34.03 22.57
N GLU B 47 -29.07 -33.80 22.45
CA GLU B 47 -30.17 -34.07 23.40
C GLU B 47 -29.96 -35.48 24.05
N SER B 48 -30.93 -35.93 24.87
CA SER B 48 -30.75 -37.20 25.60
C SER B 48 -31.21 -38.30 24.64
N ASN B 49 -32.11 -38.03 23.73
CA ASN B 49 -32.58 -39.21 23.04
C ASN B 49 -31.73 -39.71 21.87
N VAL B 50 -30.47 -39.24 21.81
CA VAL B 50 -29.70 -39.27 20.54
C VAL B 50 -28.29 -39.98 20.69
N PRO B 51 -28.17 -41.19 20.13
CA PRO B 51 -26.88 -41.89 20.56
C PRO B 51 -25.65 -41.08 20.03
N ASP B 52 -24.54 -41.23 20.75
CA ASP B 52 -23.27 -40.85 20.23
C ASP B 52 -23.09 -40.74 18.69
N LEU B 53 -23.62 -41.70 17.94
CA LEU B 53 -23.29 -41.97 16.52
C LEU B 53 -24.51 -42.54 16.10
N VAL B 54 -25.20 -41.78 15.27
CA VAL B 54 -26.45 -42.08 14.65
C VAL B 54 -26.20 -42.23 13.12
N TRP B 55 -27.17 -42.77 12.40
CA TRP B 55 -27.18 -42.73 10.93
C TRP B 55 -28.34 -41.86 10.36
N THR B 56 -27.96 -40.89 9.56
CA THR B 56 -29.02 -40.24 8.71
C THR B 56 -29.29 -40.81 7.30
N ARG B 57 -30.55 -41.06 7.01
CA ARG B 57 -30.96 -41.45 5.64
C ARG B 57 -31.18 -40.26 4.83
N CYS B 58 -30.99 -39.05 5.40
CA CYS B 58 -31.03 -37.88 4.55
C CYS B 58 -29.86 -37.67 3.58
N ASN B 59 -30.01 -37.01 2.41
CA ASN B 59 -28.78 -36.67 1.78
C ASN B 59 -27.87 -37.98 1.50
N GLY B 60 -28.52 -39.14 1.25
CA GLY B 60 -27.81 -40.29 0.68
C GLY B 60 -27.54 -41.32 1.72
N GLY B 61 -27.33 -40.89 2.96
CA GLY B 61 -27.30 -41.84 4.08
C GLY B 61 -25.98 -41.54 4.54
N HIS B 62 -25.73 -41.19 5.81
CA HIS B 62 -24.39 -41.32 6.13
C HIS B 62 -24.40 -41.16 7.65
N TRP B 63 -23.27 -41.43 8.28
CA TRP B 63 -23.18 -41.38 9.71
C TRP B 63 -22.99 -39.92 10.14
N ILE B 64 -23.39 -39.70 11.39
CA ILE B 64 -23.14 -38.43 12.07
C ILE B 64 -22.58 -38.69 13.48
N ALA B 65 -21.34 -38.21 13.72
CA ALA B 65 -20.81 -38.20 15.16
C ALA B 65 -21.33 -36.94 15.95
N THR B 66 -21.86 -37.16 17.13
CA THR B 66 -22.64 -36.14 17.79
C THR B 66 -21.85 -35.54 18.94
N ARG B 67 -20.71 -36.10 19.27
CA ARG B 67 -20.01 -35.74 20.55
C ARG B 67 -18.62 -35.47 20.19
N GLY B 68 -18.10 -34.49 20.93
CA GLY B 68 -16.79 -33.87 20.74
C GLY B 68 -15.68 -34.90 20.78
N GLN B 69 -15.80 -35.80 21.72
CA GLN B 69 -14.71 -36.88 21.80
C GLN B 69 -14.64 -37.79 20.63
N LEU B 70 -15.83 -38.05 20.00
CA LEU B 70 -15.96 -39.03 18.91
C LEU B 70 -15.56 -38.24 17.76
N ILE B 71 -16.07 -37.01 17.66
CA ILE B 71 -15.54 -36.07 16.67
C ILE B 71 -14.04 -35.98 16.54
N ARG B 72 -13.35 -35.60 17.65
CA ARG B 72 -11.86 -35.48 17.86
C ARG B 72 -11.04 -36.74 17.49
N GLU B 73 -11.45 -37.92 17.99
CA GLU B 73 -10.82 -39.25 17.66
C GLU B 73 -10.76 -39.56 16.03
N ALA B 74 -11.93 -39.56 15.38
CA ALA B 74 -11.96 -39.76 13.86
C ALA B 74 -11.00 -38.80 13.09
N TYR B 75 -11.21 -37.54 13.44
CA TYR B 75 -10.30 -36.53 12.88
C TYR B 75 -8.93 -36.84 13.06
N GLU B 76 -8.48 -37.45 14.15
CA GLU B 76 -7.00 -37.88 14.41
C GLU B 76 -6.63 -39.08 13.70
N ASP B 77 -7.53 -39.92 13.42
CA ASP B 77 -7.30 -41.22 12.82
C ASP B 77 -7.62 -41.07 11.30
N TYR B 78 -6.82 -40.38 10.54
CA TYR B 78 -6.68 -40.42 9.02
C TYR B 78 -6.67 -41.89 8.22
N ARG B 79 -6.29 -42.89 8.95
CA ARG B 79 -6.02 -44.08 8.20
C ARG B 79 -7.14 -44.78 8.06
N HIS B 80 -8.10 -44.58 9.13
CA HIS B 80 -9.50 -45.02 9.10
C HIS B 80 -10.53 -44.01 8.56
N PHE B 81 -10.31 -42.72 8.68
CA PHE B 81 -11.33 -41.83 8.31
C PHE B 81 -10.62 -40.88 7.46
N SER B 82 -10.62 -41.06 6.14
CA SER B 82 -9.77 -40.29 5.19
C SER B 82 -10.38 -39.03 4.47
N SER B 83 -9.70 -37.92 4.14
CA SER B 83 -10.28 -36.73 3.45
C SER B 83 -10.47 -36.89 2.01
N GLU B 84 -10.10 -38.08 1.54
CA GLU B 84 -10.25 -38.33 0.16
C GLU B 84 -11.68 -37.73 -0.44
N CYS B 85 -12.81 -38.04 0.28
CA CYS B 85 -14.27 -37.77 -0.01
C CYS B 85 -14.67 -37.11 1.33
N PRO B 86 -14.30 -35.89 1.59
CA PRO B 86 -14.75 -35.36 2.76
C PRO B 86 -16.14 -34.46 2.75
N PHE B 87 -16.83 -34.26 1.62
CA PHE B 87 -18.38 -33.84 1.54
C PHE B 87 -19.53 -34.76 1.44
N ILE B 88 -20.71 -34.34 2.07
CA ILE B 88 -22.10 -34.88 1.90
C ILE B 88 -23.17 -33.96 1.18
N PRO B 89 -24.21 -34.45 0.32
CA PRO B 89 -24.54 -35.72 -0.53
C PRO B 89 -23.20 -36.26 -0.92
N ARG B 90 -23.10 -37.51 -1.47
CA ARG B 90 -21.82 -38.30 -2.01
C ARG B 90 -21.23 -37.81 -3.29
N GLU B 91 -21.98 -37.52 -4.39
CA GLU B 91 -21.61 -36.73 -5.63
C GLU B 91 -20.53 -35.70 -5.32
N ALA B 92 -20.77 -34.88 -4.26
CA ALA B 92 -19.98 -33.67 -4.02
C ALA B 92 -18.48 -34.13 -3.61
N GLY B 93 -18.50 -35.04 -2.66
CA GLY B 93 -17.40 -35.60 -1.90
C GLY B 93 -16.46 -36.12 -2.93
N GLU B 94 -16.88 -36.90 -4.04
CA GLU B 94 -15.98 -37.64 -5.06
C GLU B 94 -15.44 -36.72 -6.04
N ALA B 95 -16.30 -35.91 -6.61
CA ALA B 95 -15.82 -34.71 -7.31
C ALA B 95 -14.91 -33.70 -6.63
N TYR B 96 -14.96 -33.53 -5.30
CA TYR B 96 -14.21 -32.44 -4.59
C TYR B 96 -12.68 -32.70 -4.66
N ASP B 97 -11.85 -31.81 -4.96
CA ASP B 97 -10.49 -32.47 -5.09
C ASP B 97 -9.46 -31.52 -4.81
N PHE B 98 -9.96 -30.34 -4.38
CA PHE B 98 -9.01 -29.46 -3.52
C PHE B 98 -7.76 -30.09 -2.77
N ILE B 99 -6.70 -29.35 -2.79
CA ILE B 99 -5.64 -29.68 -1.95
C ILE B 99 -5.41 -28.56 -0.99
N PRO B 100 -4.83 -28.90 0.20
CA PRO B 100 -4.47 -30.21 0.80
C PRO B 100 -5.71 -31.00 1.34
N THR B 101 -6.93 -30.55 1.09
CA THR B 101 -8.01 -30.93 1.97
C THR B 101 -8.54 -32.33 1.68
N SER B 102 -8.33 -32.82 0.44
CA SER B 102 -8.92 -34.05 0.05
C SER B 102 -8.02 -35.11 0.16
N MET B 103 -6.81 -34.86 0.88
CA MET B 103 -5.53 -35.76 0.94
C MET B 103 -5.10 -36.11 2.20
N ASP B 104 -4.37 -37.25 2.38
CA ASP B 104 -4.04 -37.88 3.79
C ASP B 104 -2.62 -37.59 4.13
N PRO B 105 -2.20 -37.44 5.40
CA PRO B 105 -0.69 -37.53 5.67
C PRO B 105 -0.16 -38.84 5.16
N PRO B 106 1.02 -38.86 4.61
CA PRO B 106 2.12 -37.98 4.07
C PRO B 106 1.72 -37.05 2.92
N GLU B 107 0.83 -37.51 2.09
CA GLU B 107 0.76 -36.89 0.78
C GLU B 107 0.44 -35.41 1.09
N GLN B 108 -0.28 -35.22 2.26
CA GLN B 108 -0.94 -33.97 2.50
C GLN B 108 -0.07 -32.84 2.86
N ARG B 109 1.02 -33.20 3.34
CA ARG B 109 1.95 -32.36 3.89
C ARG B 109 2.71 -31.43 2.99
N GLN B 110 3.53 -31.84 1.99
CA GLN B 110 4.14 -30.66 1.30
C GLN B 110 3.02 -29.59 0.78
N PHE B 111 1.83 -30.01 0.37
CA PHE B 111 1.20 -28.97 -0.29
C PHE B 111 0.51 -28.25 0.96
N ARG B 112 0.51 -28.90 2.04
CA ARG B 112 -0.16 -28.13 2.80
C ARG B 112 0.93 -27.18 3.10
N ALA B 113 2.13 -27.63 3.19
CA ALA B 113 3.10 -26.60 3.66
C ALA B 113 3.00 -25.31 2.95
N LEU B 114 3.22 -25.42 1.58
CA LEU B 114 3.06 -24.45 0.37
C LEU B 114 1.92 -23.47 0.45
N ALA B 115 0.73 -24.01 0.78
CA ALA B 115 -0.55 -23.23 1.03
C ALA B 115 -0.19 -22.35 2.13
N ASN B 116 0.52 -22.99 3.10
CA ASN B 116 0.88 -22.29 4.37
C ASN B 116 1.54 -21.02 4.22
N GLN B 117 2.52 -21.03 3.32
CA GLN B 117 3.23 -19.74 2.94
C GLN B 117 2.38 -18.64 2.38
N VAL B 118 1.14 -18.91 1.77
CA VAL B 118 0.20 -17.69 1.25
C VAL B 118 -0.85 -17.29 2.21
N VAL B 119 -1.16 -18.12 3.20
CA VAL B 119 -2.10 -17.52 4.09
C VAL B 119 -1.71 -17.47 5.52
N GLY B 120 -0.61 -18.15 5.88
CA GLY B 120 -0.07 -18.29 7.26
C GLY B 120 0.22 -17.05 8.01
N MET B 121 0.87 -17.16 9.16
CA MET B 121 0.89 -15.89 9.97
C MET B 121 1.83 -14.79 9.42
N PRO B 122 3.01 -15.16 8.87
CA PRO B 122 3.84 -14.02 8.48
C PRO B 122 3.06 -13.11 7.47
N VAL B 123 2.51 -13.74 6.50
CA VAL B 123 1.43 -13.10 5.75
C VAL B 123 0.39 -12.23 6.43
N VAL B 124 -0.15 -12.67 7.55
CA VAL B 124 -1.17 -11.83 8.15
C VAL B 124 -0.58 -10.46 8.84
N ASP B 125 0.63 -10.55 9.41
CA ASP B 125 1.40 -9.39 9.88
C ASP B 125 1.75 -8.52 8.65
N LYS B 126 2.13 -9.06 7.55
CA LYS B 126 2.29 -8.09 6.49
C LYS B 126 0.93 -7.33 6.26
N LEU B 127 -0.12 -8.10 6.10
CA LEU B 127 -1.41 -7.56 5.84
C LEU B 127 -2.02 -6.52 6.91
N GLU B 128 -1.49 -6.43 8.14
CA GLU B 128 -2.18 -5.83 9.31
C GLU B 128 -2.80 -4.54 8.96
N ASN B 129 -2.00 -3.70 8.41
CA ASN B 129 -2.37 -2.40 8.34
C ASN B 129 -3.51 -2.43 7.36
N ARG B 130 -3.46 -3.31 6.28
CA ARG B 130 -4.37 -3.08 5.15
C ARG B 130 -5.62 -3.52 5.73
N ILE B 131 -5.36 -4.43 6.69
CA ILE B 131 -6.49 -5.18 7.29
C ILE B 131 -7.12 -4.13 8.27
N GLN B 132 -6.25 -3.33 8.94
CA GLN B 132 -6.70 -2.27 9.95
C GLN B 132 -7.51 -1.10 9.27
N GLU B 133 -7.06 -0.85 8.04
CA GLU B 133 -7.48 0.36 7.33
C GLU B 133 -8.74 0.14 6.55
N LEU B 134 -9.00 -1.08 5.99
CA LEU B 134 -10.34 -1.43 5.36
C LEU B 134 -11.44 -1.53 6.36
N ALA B 135 -11.20 -2.09 7.61
CA ALA B 135 -12.30 -2.17 8.55
C ALA B 135 -12.88 -0.78 9.09
N CYS B 136 -11.99 0.15 9.31
CA CYS B 136 -12.36 1.49 9.75
C CYS B 136 -12.90 2.18 8.63
N SER B 137 -12.12 2.16 7.55
CA SER B 137 -12.64 2.61 6.31
C SER B 137 -14.03 2.02 6.27
N LEU B 138 -14.24 0.79 5.80
CA LEU B 138 -15.75 0.37 5.55
C LEU B 138 -16.78 0.97 6.48
N ILE B 139 -16.35 1.10 7.80
CA ILE B 139 -17.21 1.29 9.04
C ILE B 139 -17.64 2.82 9.20
N GLU B 140 -16.61 3.68 9.09
CA GLU B 140 -16.72 5.17 9.17
C GLU B 140 -17.82 5.60 8.07
N SER B 141 -17.79 4.86 6.99
CA SER B 141 -18.58 5.13 5.83
C SER B 141 -19.96 4.68 6.04
N LEU B 142 -20.24 3.85 7.03
CA LEU B 142 -21.58 3.33 7.35
C LEU B 142 -22.08 4.11 8.64
N ARG B 143 -21.15 4.55 9.46
CA ARG B 143 -21.55 5.02 10.80
C ARG B 143 -22.57 6.16 10.59
N PRO B 144 -22.25 7.06 9.67
CA PRO B 144 -23.12 8.18 9.98
C PRO B 144 -24.54 7.86 9.58
N GLN B 145 -24.70 6.68 8.91
CA GLN B 145 -25.89 6.29 8.31
C GLN B 145 -26.96 5.62 9.13
N GLY B 146 -26.64 4.92 10.19
CA GLY B 146 -27.83 4.65 11.29
C GLY B 146 -28.44 3.31 10.90
N GLN B 147 -27.83 2.70 9.83
CA GLN B 147 -28.25 1.38 9.31
C GLN B 147 -27.36 0.71 8.24
N CYS B 148 -27.30 -0.63 8.35
CA CYS B 148 -26.79 -1.36 7.23
C CYS B 148 -27.54 -2.73 7.07
N ASN B 149 -27.27 -3.37 5.92
CA ASN B 149 -27.37 -4.86 5.68
C ASN B 149 -25.91 -5.23 5.83
N PHE B 150 -25.67 -5.84 6.88
CA PHE B 150 -24.38 -5.89 7.39
C PHE B 150 -23.87 -7.03 6.58
N THR B 151 -24.68 -8.05 6.23
CA THR B 151 -24.09 -9.18 5.55
C THR B 151 -23.53 -8.65 4.32
N GLU B 152 -24.24 -7.86 3.54
CA GLU B 152 -23.60 -7.31 2.31
C GLU B 152 -22.62 -6.14 2.33
N ASP B 153 -22.84 -5.23 3.26
CA ASP B 153 -22.24 -3.97 3.51
C ASP B 153 -20.85 -4.07 4.40
N TYR B 154 -20.54 -5.29 4.99
CA TYR B 154 -19.49 -5.47 5.86
C TYR B 154 -19.16 -6.89 5.95
N ALA B 155 -20.15 -7.77 6.31
CA ALA B 155 -19.64 -9.27 6.53
C ALA B 155 -18.89 -9.74 5.27
N GLU B 156 -19.45 -9.29 4.20
CA GLU B 156 -18.90 -9.70 2.85
C GLU B 156 -17.73 -8.85 2.28
N PRO B 157 -17.94 -7.46 2.23
CA PRO B 157 -16.73 -6.71 1.75
C PRO B 157 -15.41 -6.80 2.53
N PHE B 158 -15.36 -6.97 3.85
CA PHE B 158 -14.20 -6.77 4.59
C PHE B 158 -13.32 -8.00 4.30
N PRO B 159 -13.91 -9.18 4.62
CA PRO B 159 -12.93 -10.35 4.42
C PRO B 159 -12.68 -10.67 2.91
N ILE B 160 -13.76 -10.63 2.23
CA ILE B 160 -13.59 -10.95 0.83
C ILE B 160 -12.71 -9.90 0.11
N ARG B 161 -12.83 -8.56 0.38
CA ARG B 161 -11.85 -7.70 -0.28
C ARG B 161 -10.40 -8.03 0.26
N ILE B 162 -10.15 -8.44 1.52
CA ILE B 162 -8.73 -8.78 1.93
C ILE B 162 -8.30 -10.13 1.29
N PHE B 163 -9.21 -11.01 1.09
CA PHE B 163 -8.92 -12.24 0.40
C PHE B 163 -8.42 -11.98 -1.11
N MET B 164 -9.26 -11.34 -1.91
CA MET B 164 -8.82 -10.63 -3.11
C MET B 164 -7.50 -9.92 -3.14
N LEU B 165 -7.10 -9.21 -2.12
CA LEU B 165 -5.93 -8.39 -2.21
C LEU B 165 -4.88 -9.52 -2.20
N LEU B 166 -5.16 -10.48 -1.38
CA LEU B 166 -4.08 -11.41 -1.00
C LEU B 166 -3.99 -12.42 -2.14
N ALA B 167 -5.14 -12.62 -2.76
CA ALA B 167 -5.16 -13.48 -3.89
C ALA B 167 -4.63 -12.73 -5.12
N GLY B 168 -4.45 -11.39 -5.06
CA GLY B 168 -4.18 -10.41 -6.23
C GLY B 168 -5.03 -10.77 -7.50
N LEU B 169 -6.27 -11.14 -7.22
CA LEU B 169 -7.35 -11.16 -8.20
C LEU B 169 -8.20 -9.82 -8.25
N PRO B 170 -8.76 -9.41 -9.43
CA PRO B 170 -9.51 -8.06 -9.46
C PRO B 170 -10.90 -8.08 -8.81
N GLU B 171 -11.28 -7.05 -8.04
CA GLU B 171 -12.61 -7.12 -7.31
C GLU B 171 -13.93 -7.18 -8.09
N GLU B 172 -13.95 -6.67 -9.32
CA GLU B 172 -15.05 -6.91 -10.20
C GLU B 172 -15.38 -8.42 -10.27
N ASP B 173 -14.39 -9.34 -9.99
CA ASP B 173 -14.76 -10.80 -9.88
C ASP B 173 -15.53 -11.47 -8.73
N ILE B 174 -15.43 -10.91 -7.53
CA ILE B 174 -16.36 -11.21 -6.43
C ILE B 174 -17.81 -11.66 -6.74
N PRO B 175 -18.71 -10.78 -7.30
CA PRO B 175 -19.97 -11.40 -7.39
C PRO B 175 -20.05 -12.97 -7.85
N HIS B 176 -19.24 -13.31 -8.83
CA HIS B 176 -19.23 -14.69 -9.50
C HIS B 176 -18.38 -15.69 -8.65
N LEU B 177 -17.33 -15.18 -7.97
CA LEU B 177 -16.51 -16.08 -7.22
C LEU B 177 -17.29 -16.50 -5.96
N LYS B 178 -18.00 -15.58 -5.29
CA LYS B 178 -18.81 -15.91 -4.17
C LYS B 178 -20.01 -16.70 -4.69
N TYR B 179 -20.45 -16.52 -5.94
CA TYR B 179 -21.73 -17.18 -6.27
C TYR B 179 -21.45 -18.66 -6.36
N LEU B 180 -20.35 -18.91 -7.06
CA LEU B 180 -19.75 -20.30 -7.27
C LEU B 180 -19.09 -20.98 -6.10
N THR B 181 -18.25 -20.33 -5.26
CA THR B 181 -17.95 -20.96 -3.92
C THR B 181 -19.23 -21.31 -3.10
N ASP B 182 -20.29 -20.52 -3.09
CA ASP B 182 -21.55 -20.68 -2.33
C ASP B 182 -22.52 -21.97 -2.60
N GLN B 183 -22.65 -22.32 -3.92
CA GLN B 183 -23.23 -23.61 -4.42
C GLN B 183 -22.50 -24.78 -3.90
N MET B 184 -21.23 -24.69 -3.63
CA MET B 184 -20.53 -25.73 -2.97
C MET B 184 -20.86 -25.87 -1.44
N THR B 185 -21.09 -24.81 -0.62
CA THR B 185 -21.27 -25.12 0.69
C THR B 185 -22.85 -25.08 1.01
N ARG B 186 -23.64 -24.26 0.36
CA ARG B 186 -25.09 -24.06 0.64
C ARG B 186 -25.78 -24.18 -0.77
N PRO B 187 -25.47 -25.22 -1.58
CA PRO B 187 -26.30 -25.31 -2.83
C PRO B 187 -27.76 -24.94 -2.74
N ASP B 188 -28.14 -24.08 -3.64
CA ASP B 188 -29.54 -23.73 -4.05
C ASP B 188 -30.24 -24.65 -5.04
N GLY B 189 -29.47 -25.52 -5.73
CA GLY B 189 -30.05 -26.64 -6.47
C GLY B 189 -30.13 -26.26 -7.95
N SER B 190 -29.74 -25.04 -8.30
CA SER B 190 -29.40 -24.83 -9.75
C SER B 190 -28.23 -25.58 -10.30
N MET B 191 -27.33 -26.07 -9.42
CA MET B 191 -26.06 -26.65 -9.95
C MET B 191 -25.55 -27.69 -8.98
N THR B 192 -25.18 -28.86 -9.44
CA THR B 192 -24.26 -29.78 -8.65
C THR B 192 -22.83 -29.21 -8.17
N PHE B 193 -22.04 -29.95 -7.35
CA PHE B 193 -20.88 -29.28 -6.65
C PHE B 193 -19.85 -29.35 -7.68
N ALA B 194 -19.96 -30.49 -8.38
CA ALA B 194 -19.38 -30.75 -9.67
C ALA B 194 -19.52 -29.64 -10.63
N GLU B 195 -20.67 -29.26 -11.10
CA GLU B 195 -20.79 -28.01 -11.95
C GLU B 195 -20.00 -26.79 -11.32
N ALA B 196 -20.42 -26.41 -10.06
CA ALA B 196 -19.86 -25.21 -9.25
C ALA B 196 -18.40 -25.28 -9.40
N LYS B 197 -17.86 -26.49 -9.17
CA LYS B 197 -16.34 -26.66 -8.98
C LYS B 197 -15.67 -26.42 -10.31
N GLU B 198 -15.97 -27.22 -11.35
CA GLU B 198 -15.56 -26.97 -12.74
C GLU B 198 -15.62 -25.53 -13.08
N ALA B 199 -16.76 -24.96 -12.91
CA ALA B 199 -16.80 -23.53 -13.34
C ALA B 199 -15.68 -22.59 -12.76
N LEU B 200 -15.28 -22.90 -11.57
CA LEU B 200 -14.40 -22.18 -10.80
C LEU B 200 -13.02 -22.52 -11.15
N TYR B 201 -12.70 -23.77 -11.36
CA TYR B 201 -11.39 -24.03 -12.07
C TYR B 201 -11.16 -23.25 -13.35
N ASP B 202 -12.24 -23.13 -14.05
CA ASP B 202 -12.08 -22.52 -15.42
C ASP B 202 -11.77 -21.08 -15.27
N TYR B 203 -12.34 -20.47 -14.19
CA TYR B 203 -11.80 -19.10 -13.79
C TYR B 203 -10.18 -19.18 -13.50
N LEU B 204 -9.65 -20.34 -13.08
CA LEU B 204 -8.49 -20.27 -12.39
C LEU B 204 -7.30 -20.47 -13.39
N ILE B 205 -7.52 -21.23 -14.42
CA ILE B 205 -6.65 -22.13 -14.95
C ILE B 205 -5.78 -21.20 -16.00
N PRO B 206 -6.46 -20.16 -16.65
CA PRO B 206 -6.06 -19.09 -17.43
C PRO B 206 -5.22 -18.25 -16.57
N ILE B 207 -5.50 -18.15 -15.34
CA ILE B 207 -4.84 -17.18 -14.53
C ILE B 207 -3.50 -17.88 -14.09
N ILE B 208 -3.69 -19.09 -13.59
CA ILE B 208 -2.66 -19.83 -13.00
C ILE B 208 -1.47 -19.93 -13.93
N GLU B 209 -1.83 -19.95 -15.19
CA GLU B 209 -0.96 -20.30 -16.28
C GLU B 209 -0.12 -19.09 -16.60
N GLN B 210 -0.85 -17.96 -16.62
CA GLN B 210 -0.24 -16.69 -16.96
C GLN B 210 0.83 -16.44 -15.88
N ARG B 211 0.47 -16.73 -14.62
CA ARG B 211 1.31 -16.52 -13.38
C ARG B 211 2.61 -17.43 -13.32
N ARG B 212 2.62 -18.68 -13.90
CA ARG B 212 3.87 -19.42 -14.03
C ARG B 212 4.73 -18.97 -15.31
N GLN B 213 4.11 -18.11 -16.12
CA GLN B 213 4.89 -17.40 -17.15
C GLN B 213 5.22 -16.02 -16.75
N LYS B 214 4.50 -15.48 -15.71
CA LYS B 214 4.70 -14.11 -15.14
C LYS B 214 4.56 -14.07 -13.59
N PRO B 215 5.46 -14.79 -12.83
CA PRO B 215 5.60 -14.98 -11.34
C PRO B 215 5.66 -13.75 -10.37
N GLY B 216 5.13 -13.87 -9.13
CA GLY B 216 4.60 -12.70 -8.48
C GLY B 216 4.66 -12.92 -7.00
N THR B 217 3.88 -12.08 -6.24
CA THR B 217 3.83 -12.06 -4.76
C THR B 217 2.49 -12.51 -4.15
N ASP B 218 1.53 -12.76 -5.02
CA ASP B 218 0.20 -13.03 -4.69
C ASP B 218 0.09 -14.57 -4.55
N ALA B 219 -0.83 -15.00 -3.74
CA ALA B 219 -1.34 -16.37 -3.64
C ALA B 219 -1.38 -17.24 -4.81
N ILE B 220 -2.14 -16.86 -5.88
CA ILE B 220 -2.08 -17.67 -7.21
C ILE B 220 -0.61 -17.93 -7.60
N SER B 221 0.24 -16.89 -7.57
CA SER B 221 1.62 -17.06 -8.22
C SER B 221 2.61 -17.98 -7.32
N ILE B 222 2.61 -17.64 -6.04
CA ILE B 222 3.26 -18.43 -5.05
C ILE B 222 2.88 -19.88 -5.17
N VAL B 223 1.63 -20.21 -4.88
CA VAL B 223 1.22 -21.60 -5.13
C VAL B 223 1.54 -22.07 -6.55
N ALA B 224 1.32 -21.26 -7.57
CA ALA B 224 1.48 -21.82 -8.90
C ALA B 224 2.96 -21.97 -9.35
N ASN B 225 3.79 -21.22 -8.61
CA ASN B 225 5.24 -21.34 -8.66
C ASN B 225 5.82 -22.14 -7.60
N GLY B 226 5.15 -22.97 -7.00
CA GLY B 226 5.85 -23.41 -5.85
C GLY B 226 6.46 -24.78 -6.12
N GLN B 227 7.01 -25.41 -5.12
CA GLN B 227 7.44 -26.78 -5.43
C GLN B 227 6.98 -27.81 -4.45
N VAL B 228 6.67 -29.00 -4.94
CA VAL B 228 6.08 -29.92 -3.99
C VAL B 228 6.63 -31.26 -4.20
N ASN B 229 7.27 -31.65 -3.14
CA ASN B 229 8.08 -32.84 -2.90
C ASN B 229 9.65 -32.60 -2.98
N GLY B 230 9.95 -31.52 -3.65
CA GLY B 230 11.25 -31.14 -4.19
C GLY B 230 11.13 -31.30 -5.74
N ARG B 231 10.14 -30.59 -6.33
CA ARG B 231 9.73 -30.70 -7.83
C ARG B 231 8.57 -29.72 -8.28
N PRO B 232 8.67 -29.04 -9.48
CA PRO B 232 7.65 -28.01 -9.99
C PRO B 232 6.23 -28.54 -9.80
N ILE B 233 5.26 -27.72 -9.40
CA ILE B 233 3.98 -28.22 -8.93
C ILE B 233 3.23 -27.99 -10.24
N THR B 234 2.33 -28.83 -10.63
CA THR B 234 1.81 -28.83 -12.01
C THR B 234 0.69 -27.75 -12.05
N SER B 235 0.24 -27.32 -13.26
CA SER B 235 -0.84 -26.33 -13.33
C SER B 235 -2.18 -26.79 -12.56
N ASP B 236 -2.51 -28.09 -12.64
CA ASP B 236 -3.63 -28.83 -12.12
C ASP B 236 -3.60 -29.08 -10.66
N GLU B 237 -2.53 -29.35 -10.02
CA GLU B 237 -2.57 -29.23 -8.51
C GLU B 237 -2.81 -27.83 -8.02
N ALA B 238 -2.40 -27.02 -9.03
CA ALA B 238 -2.20 -25.67 -8.78
C ALA B 238 -3.56 -25.12 -8.61
N LYS B 239 -4.44 -25.60 -9.50
CA LYS B 239 -5.95 -25.27 -9.46
C LYS B 239 -6.72 -25.86 -8.27
N ARG B 240 -6.44 -27.11 -8.01
CA ARG B 240 -6.85 -27.89 -6.84
C ARG B 240 -6.63 -27.25 -5.49
N MET B 241 -5.46 -26.67 -5.38
CA MET B 241 -4.95 -25.94 -4.18
C MET B 241 -5.47 -24.58 -4.13
N CYS B 242 -5.50 -23.91 -5.28
CA CYS B 242 -6.11 -22.51 -5.37
C CYS B 242 -7.70 -22.54 -4.98
N GLY B 243 -8.37 -23.56 -5.47
CA GLY B 243 -9.71 -24.14 -5.19
C GLY B 243 -9.90 -24.21 -3.63
N ALA B 244 -9.06 -24.84 -2.85
CA ALA B 244 -9.07 -24.24 -1.54
C ALA B 244 -9.06 -22.74 -1.45
N LEU B 245 -7.96 -22.14 -1.26
CA LEU B 245 -8.13 -20.72 -0.80
C LEU B 245 -9.53 -19.90 -0.97
N LEU B 246 -9.93 -19.49 -2.22
CA LEU B 246 -11.42 -19.25 -2.62
C LEU B 246 -12.50 -19.56 -1.52
N VAL B 247 -12.32 -20.65 -0.84
CA VAL B 247 -13.32 -21.04 0.10
C VAL B 247 -13.21 -20.53 1.54
N GLY B 248 -12.01 -20.27 1.89
CA GLY B 248 -11.93 -19.75 3.14
C GLY B 248 -12.10 -18.25 3.01
N GLY B 249 -11.66 -17.80 1.84
CA GLY B 249 -11.53 -16.46 1.40
C GLY B 249 -12.89 -15.83 1.19
N LEU B 250 -13.88 -16.59 0.77
CA LEU B 250 -15.23 -15.99 0.50
C LEU B 250 -16.48 -16.28 1.26
N ASP B 251 -16.33 -17.23 2.18
CA ASP B 251 -17.48 -17.85 2.87
C ASP B 251 -17.44 -18.36 4.38
N THR B 252 -16.35 -18.44 5.05
CA THR B 252 -16.47 -19.06 6.32
C THR B 252 -16.45 -17.87 7.31
N VAL B 253 -15.42 -17.00 7.17
CA VAL B 253 -15.21 -15.72 7.95
C VAL B 253 -16.40 -14.77 7.56
N VAL B 254 -16.76 -14.68 6.25
CA VAL B 254 -17.97 -13.95 5.92
C VAL B 254 -19.12 -14.32 6.73
N ASN B 255 -19.51 -15.59 6.74
CA ASN B 255 -20.61 -15.84 7.64
C ASN B 255 -20.34 -15.87 9.17
N PHE B 256 -19.13 -16.26 9.55
CA PHE B 256 -18.88 -16.15 10.98
C PHE B 256 -19.07 -14.70 11.49
N LEU B 257 -18.53 -13.73 10.72
CA LEU B 257 -18.69 -12.37 11.24
C LEU B 257 -20.23 -12.11 11.45
N SER B 258 -21.05 -12.31 10.39
CA SER B 258 -22.63 -12.25 10.55
C SER B 258 -23.35 -12.90 11.83
N PHE B 259 -22.98 -14.15 12.30
CA PHE B 259 -23.36 -14.70 13.64
C PHE B 259 -22.88 -13.77 14.70
N SER B 260 -21.65 -13.21 14.44
CA SER B 260 -20.87 -12.48 15.51
C SER B 260 -21.69 -11.25 15.84
N MET B 261 -22.41 -10.68 14.88
CA MET B 261 -22.74 -9.42 15.00
C MET B 261 -24.34 -9.35 15.26
N GLU B 262 -25.16 -10.36 14.80
CA GLU B 262 -26.50 -10.62 15.20
C GLU B 262 -26.62 -10.66 16.79
N PHE B 263 -25.94 -11.59 17.43
CA PHE B 263 -25.73 -11.66 18.83
C PHE B 263 -25.23 -10.40 19.48
N LEU B 264 -24.30 -9.58 18.92
CA LEU B 264 -23.64 -8.62 19.81
C LEU B 264 -24.68 -7.68 19.55
N ALA B 265 -25.13 -7.63 18.33
CA ALA B 265 -26.44 -6.77 18.16
C ALA B 265 -27.61 -7.00 19.20
N LYS B 266 -27.65 -8.23 19.66
CA LYS B 266 -28.49 -8.40 20.82
C LYS B 266 -27.87 -8.64 22.23
N SER B 267 -26.77 -8.06 22.59
CA SER B 267 -26.27 -8.33 23.94
C SER B 267 -25.54 -7.10 24.42
N PRO B 268 -26.30 -6.04 24.68
CA PRO B 268 -25.64 -4.96 25.44
C PRO B 268 -24.59 -5.42 26.32
N GLU B 269 -24.86 -6.29 27.25
CA GLU B 269 -23.79 -6.32 28.16
C GLU B 269 -22.63 -6.90 27.39
N HIS B 270 -22.84 -7.59 26.20
CA HIS B 270 -21.61 -8.11 25.58
C HIS B 270 -20.71 -7.02 25.00
N ARG B 271 -21.26 -6.28 24.04
CA ARG B 271 -20.98 -4.93 23.76
C ARG B 271 -20.13 -4.30 24.82
N GLN B 272 -20.61 -4.10 26.01
CA GLN B 272 -19.82 -3.20 26.93
C GLN B 272 -18.60 -3.57 27.64
N GLU B 273 -18.58 -4.88 27.85
CA GLU B 273 -17.54 -5.54 28.37
C GLU B 273 -16.35 -5.50 27.42
N LEU B 274 -16.61 -5.34 26.10
CA LEU B 274 -15.50 -5.27 25.08
C LEU B 274 -14.99 -3.82 25.10
N ILE B 275 -15.97 -2.91 25.08
CA ILE B 275 -15.81 -1.47 25.21
C ILE B 275 -14.92 -1.10 26.48
N GLU B 276 -15.22 -1.62 27.67
CA GLU B 276 -14.26 -1.19 28.74
C GLU B 276 -13.47 -2.34 29.17
N ARG B 277 -13.62 -3.31 28.35
CA ARG B 277 -12.76 -4.34 28.45
C ARG B 277 -12.31 -4.84 27.14
N PRO B 278 -11.54 -3.92 26.32
CA PRO B 278 -10.86 -4.39 25.07
C PRO B 278 -10.04 -5.41 25.32
N GLU B 279 -9.45 -5.46 26.51
CA GLU B 279 -8.44 -6.52 26.55
C GLU B 279 -9.14 -7.87 26.81
N ARG B 280 -10.40 -7.88 26.56
CA ARG B 280 -11.03 -9.17 26.48
C ARG B 280 -11.36 -9.56 25.06
N ILE B 281 -11.15 -8.65 24.08
CA ILE B 281 -11.49 -8.93 22.64
C ILE B 281 -10.98 -10.33 22.30
N PRO B 282 -9.65 -10.59 22.37
CA PRO B 282 -9.07 -11.92 22.05
C PRO B 282 -9.82 -13.05 22.61
N ALA B 283 -10.00 -13.15 23.95
CA ALA B 283 -10.81 -14.28 24.61
C ALA B 283 -12.18 -14.30 24.14
N ALA B 284 -12.77 -13.12 24.00
CA ALA B 284 -14.23 -12.97 23.49
C ALA B 284 -14.63 -13.54 22.09
N CYS B 285 -13.67 -13.35 21.16
CA CYS B 285 -13.41 -13.91 19.80
C CYS B 285 -13.47 -15.39 19.93
N GLU B 286 -12.70 -15.89 20.93
CA GLU B 286 -12.56 -17.32 21.16
C GLU B 286 -13.94 -17.79 21.55
N GLU B 287 -14.75 -16.95 22.18
CA GLU B 287 -15.83 -17.62 22.79
C GLU B 287 -16.86 -17.59 21.78
N LEU B 288 -16.87 -16.55 21.00
CA LEU B 288 -17.62 -16.49 19.75
C LEU B 288 -17.36 -17.67 18.79
N LEU B 289 -16.15 -18.16 18.77
CA LEU B 289 -15.75 -19.02 17.64
C LEU B 289 -16.40 -20.28 18.06
N ARG B 290 -16.52 -20.36 19.39
CA ARG B 290 -17.16 -21.57 19.99
C ARG B 290 -18.73 -21.54 20.15
N ARG B 291 -19.25 -20.39 20.44
CA ARG B 291 -20.49 -20.26 20.24
C ARG B 291 -21.11 -20.26 18.81
N PHE B 292 -20.53 -19.69 17.81
CA PHE B 292 -21.21 -19.69 16.43
C PHE B 292 -20.18 -20.36 15.30
N SER B 293 -19.37 -21.30 15.78
CA SER B 293 -18.70 -22.30 14.92
C SER B 293 -19.61 -22.82 13.78
N LEU B 294 -19.05 -23.22 12.64
CA LEU B 294 -20.07 -23.32 11.71
C LEU B 294 -19.62 -24.16 10.58
N VAL B 295 -18.54 -24.91 10.78
CA VAL B 295 -18.23 -25.84 9.77
C VAL B 295 -18.65 -27.31 10.08
N ALA B 296 -19.15 -27.98 9.02
CA ALA B 296 -19.47 -29.41 9.16
C ALA B 296 -19.17 -30.24 7.91
N ASP B 297 -18.08 -30.89 7.92
CA ASP B 297 -17.86 -31.75 6.74
C ASP B 297 -17.55 -33.17 7.44
N GLY B 298 -17.10 -34.14 6.68
CA GLY B 298 -16.90 -35.56 7.13
C GLY B 298 -15.62 -36.29 6.62
N ARG B 299 -15.59 -37.63 6.48
CA ARG B 299 -14.40 -38.41 6.06
C ARG B 299 -15.07 -39.66 5.43
N ILE B 300 -14.37 -40.67 4.89
CA ILE B 300 -15.26 -41.74 4.32
C ILE B 300 -14.63 -42.99 4.91
N LEU B 301 -15.33 -44.09 5.13
CA LEU B 301 -14.42 -45.11 5.55
C LEU B 301 -13.32 -45.73 4.47
N THR B 302 -12.16 -46.01 5.00
CA THR B 302 -11.13 -46.57 4.17
C THR B 302 -11.25 -48.15 4.11
N SER B 303 -11.85 -48.65 5.18
CA SER B 303 -12.10 -50.03 5.42
C SER B 303 -13.38 -50.21 6.41
N ASP B 304 -14.10 -51.39 6.46
CA ASP B 304 -14.82 -51.94 7.72
C ASP B 304 -13.98 -51.68 9.02
N TYR B 305 -14.66 -51.21 10.07
CA TYR B 305 -13.97 -50.75 11.34
C TYR B 305 -15.18 -50.54 12.30
N GLU B 306 -15.09 -51.17 13.45
CA GLU B 306 -15.96 -50.94 14.55
C GLU B 306 -15.39 -49.76 15.36
N PHE B 307 -16.00 -48.59 15.18
CA PHE B 307 -15.84 -47.39 16.03
C PHE B 307 -16.95 -47.26 17.06
N HIS B 308 -16.65 -47.30 18.35
CA HIS B 308 -17.53 -47.08 19.47
C HIS B 308 -18.69 -48.00 19.61
N GLY B 309 -18.58 -49.20 19.08
CA GLY B 309 -19.47 -50.30 19.34
C GLY B 309 -20.41 -50.49 18.17
N VAL B 310 -20.05 -49.88 17.05
CA VAL B 310 -20.98 -49.58 15.94
C VAL B 310 -20.14 -49.90 14.80
N GLN B 311 -20.72 -50.56 13.83
CA GLN B 311 -20.13 -51.14 12.67
C GLN B 311 -20.44 -50.32 11.38
N LEU B 312 -19.37 -49.65 10.95
CA LEU B 312 -19.26 -48.79 9.75
C LEU B 312 -18.37 -49.61 8.81
N LYS B 313 -18.76 -49.58 7.52
CA LYS B 313 -18.19 -50.35 6.39
C LYS B 313 -17.40 -49.51 5.52
N LYS B 314 -16.21 -50.03 4.98
CA LYS B 314 -15.53 -49.50 3.74
C LYS B 314 -16.48 -48.60 2.95
N GLY B 315 -16.14 -47.40 2.51
CA GLY B 315 -17.13 -46.72 1.64
C GLY B 315 -18.17 -45.83 2.21
N ASP B 316 -18.57 -46.05 3.53
CA ASP B 316 -19.54 -45.34 4.34
C ASP B 316 -19.17 -43.91 4.58
N GLN B 317 -20.09 -42.97 4.62
CA GLN B 317 -19.76 -41.53 4.94
C GLN B 317 -20.20 -41.21 6.36
N ILE B 318 -19.45 -40.29 6.99
CA ILE B 318 -19.59 -39.76 8.42
C ILE B 318 -19.14 -38.33 8.41
N LEU B 319 -20.17 -37.57 8.66
CA LEU B 319 -20.14 -36.15 8.99
C LEU B 319 -19.37 -36.00 10.41
N LEU B 320 -18.39 -35.14 10.52
CA LEU B 320 -17.83 -34.95 11.89
C LEU B 320 -17.94 -33.43 12.07
N PRO B 321 -19.17 -32.93 12.42
CA PRO B 321 -19.48 -31.52 12.35
C PRO B 321 -18.50 -30.79 13.13
N GLN B 322 -17.80 -29.81 12.60
CA GLN B 322 -16.74 -29.27 13.59
C GLN B 322 -17.50 -28.36 14.64
N MET B 323 -18.64 -27.90 14.17
CA MET B 323 -19.58 -27.10 14.80
C MET B 323 -19.82 -27.70 16.08
N LEU B 324 -20.11 -29.02 16.10
CA LEU B 324 -20.54 -29.70 17.43
C LEU B 324 -19.63 -29.82 18.65
N SER B 325 -18.33 -29.95 18.48
CA SER B 325 -17.66 -30.28 19.72
C SER B 325 -17.84 -29.19 20.80
N GLY B 326 -17.96 -27.88 20.51
CA GLY B 326 -18.04 -26.84 21.54
C GLY B 326 -19.45 -26.49 22.06
N LEU B 327 -20.43 -26.99 21.33
CA LEU B 327 -21.66 -27.19 21.76
C LEU B 327 -21.81 -28.38 22.70
N ASP B 328 -20.86 -29.35 22.71
CA ASP B 328 -21.07 -30.50 23.50
C ASP B 328 -21.11 -30.05 25.00
N GLU B 329 -22.17 -30.32 25.74
CA GLU B 329 -22.12 -29.82 27.18
C GLU B 329 -21.23 -30.68 28.04
N ARG B 330 -20.70 -31.74 27.43
CA ARG B 330 -19.61 -32.46 28.13
C ARG B 330 -18.24 -31.80 28.03
N GLU B 331 -18.10 -30.80 27.11
CA GLU B 331 -16.72 -30.23 26.94
C GLU B 331 -16.56 -28.79 27.55
N ASN B 332 -17.74 -28.22 27.89
CA ASN B 332 -17.88 -26.78 28.20
C ASN B 332 -19.37 -26.77 28.65
N ALA B 333 -19.59 -26.55 29.98
CA ALA B 333 -20.94 -26.27 30.64
C ALA B 333 -21.69 -24.99 30.19
N ALA B 334 -23.01 -25.12 30.15
CA ALA B 334 -23.88 -24.25 29.41
C ALA B 334 -23.31 -23.84 27.97
N PRO B 335 -23.28 -24.83 27.00
CA PRO B 335 -22.40 -24.81 25.70
C PRO B 335 -22.87 -23.56 25.09
N MET B 336 -24.28 -23.39 25.07
CA MET B 336 -25.09 -22.26 24.49
C MET B 336 -24.80 -20.87 25.17
N HIS B 337 -24.32 -20.86 26.40
CA HIS B 337 -24.09 -19.57 27.01
C HIS B 337 -22.63 -19.08 26.53
N VAL B 338 -22.56 -17.97 25.79
CA VAL B 338 -21.31 -17.01 25.62
C VAL B 338 -20.84 -16.22 26.88
N ASP B 339 -19.88 -16.72 27.56
CA ASP B 339 -19.31 -16.05 28.66
C ASP B 339 -17.77 -15.92 28.18
N PHE B 340 -17.31 -14.67 27.93
CA PHE B 340 -16.01 -14.25 27.48
C PHE B 340 -15.03 -14.60 28.46
N SER B 341 -15.42 -14.99 29.70
CA SER B 341 -14.35 -15.44 30.67
C SER B 341 -14.29 -16.92 31.09
N ARG B 342 -15.06 -17.76 30.36
CA ARG B 342 -15.22 -19.23 30.50
C ARG B 342 -13.85 -19.57 30.61
N GLN B 343 -13.50 -20.80 30.96
CA GLN B 343 -12.22 -21.08 31.40
C GLN B 343 -11.35 -21.82 30.39
N LYS B 344 -11.90 -22.87 29.83
CA LYS B 344 -11.16 -23.40 28.74
C LYS B 344 -12.35 -23.39 27.80
N VAL B 345 -12.33 -22.53 26.82
CA VAL B 345 -13.35 -22.50 25.80
C VAL B 345 -12.91 -23.66 24.91
N SER B 346 -13.57 -24.73 25.03
CA SER B 346 -13.16 -25.88 24.19
C SER B 346 -13.98 -25.92 22.94
N HIS B 347 -13.32 -26.12 21.78
CA HIS B 347 -13.88 -26.16 20.43
C HIS B 347 -12.95 -26.93 19.39
N THR B 348 -13.58 -27.45 18.32
CA THR B 348 -12.96 -27.78 17.01
C THR B 348 -13.43 -26.96 15.83
N THR B 349 -13.49 -25.63 16.02
CA THR B 349 -14.26 -24.77 15.05
C THR B 349 -13.43 -24.60 13.80
N PHE B 350 -12.17 -24.45 14.09
CA PHE B 350 -11.16 -24.44 13.08
C PHE B 350 -10.80 -25.86 12.75
N GLY B 351 -11.41 -26.89 13.31
CA GLY B 351 -10.95 -28.26 12.95
C GLY B 351 -10.08 -29.02 14.02
N HIS B 352 -9.55 -30.24 13.74
CA HIS B 352 -8.84 -30.96 14.74
C HIS B 352 -8.14 -31.98 13.83
N GLY B 353 -6.92 -32.43 14.25
CA GLY B 353 -6.09 -33.35 13.42
C GLY B 353 -5.29 -32.72 12.39
N SER B 354 -4.69 -33.49 11.43
CA SER B 354 -3.82 -32.85 10.25
C SER B 354 -4.33 -31.68 9.37
N HIS B 355 -5.65 -31.50 9.20
CA HIS B 355 -6.06 -30.41 8.25
C HIS B 355 -6.61 -29.13 9.08
N LEU B 356 -6.25 -29.05 10.35
CA LEU B 356 -6.28 -27.76 11.13
C LEU B 356 -6.23 -26.52 10.37
N CYS B 357 -7.24 -25.67 10.64
CA CYS B 357 -7.52 -24.68 9.56
C CYS B 357 -6.27 -23.78 9.19
N LEU B 358 -5.75 -23.73 7.96
CA LEU B 358 -4.55 -22.91 7.90
C LEU B 358 -5.04 -21.48 7.92
N GLY B 359 -6.26 -21.33 7.59
CA GLY B 359 -6.87 -19.91 7.53
C GLY B 359 -6.76 -19.20 8.87
N GLN B 360 -6.54 -19.92 9.95
CA GLN B 360 -7.15 -19.53 11.25
C GLN B 360 -6.67 -18.19 11.86
N HIS B 361 -5.46 -17.82 11.50
CA HIS B 361 -4.89 -16.66 12.06
C HIS B 361 -5.35 -15.41 11.38
N LEU B 362 -5.76 -15.63 10.09
CA LEU B 362 -6.36 -14.58 9.31
C LEU B 362 -7.70 -14.38 9.79
N ALA B 363 -8.37 -15.39 9.75
CA ALA B 363 -9.63 -15.33 10.46
C ALA B 363 -9.65 -14.56 11.79
N ARG B 364 -9.09 -15.07 12.82
CA ARG B 364 -9.09 -14.43 14.20
C ARG B 364 -8.77 -12.86 14.12
N ARG B 365 -7.80 -12.43 13.28
CA ARG B 365 -7.41 -10.96 12.86
C ARG B 365 -8.54 -10.23 12.20
N GLU B 366 -9.22 -10.91 11.33
CA GLU B 366 -10.53 -10.29 10.83
C GLU B 366 -11.67 -10.16 11.99
N ILE B 367 -11.68 -11.06 13.02
CA ILE B 367 -12.78 -11.20 14.02
C ILE B 367 -12.42 -10.07 14.92
N ILE B 368 -11.28 -10.15 15.75
CA ILE B 368 -10.73 -9.16 16.70
C ILE B 368 -10.54 -7.62 16.37
N VAL B 369 -10.03 -7.32 15.25
CA VAL B 369 -9.99 -6.05 14.36
C VAL B 369 -11.48 -5.56 14.15
N THR B 370 -12.29 -6.28 13.31
CA THR B 370 -13.79 -5.96 13.43
C THR B 370 -14.31 -5.68 14.90
N LEU B 371 -14.05 -6.51 15.89
CA LEU B 371 -14.72 -6.22 17.14
C LEU B 371 -14.12 -4.92 17.71
N LYS B 372 -12.81 -4.83 17.80
CA LYS B 372 -12.18 -3.52 18.15
C LYS B 372 -12.75 -2.45 17.34
N GLU B 373 -12.67 -2.55 15.99
CA GLU B 373 -13.00 -1.36 15.18
C GLU B 373 -14.51 -0.85 15.11
N TRP B 374 -15.47 -1.78 15.43
CA TRP B 374 -16.86 -1.42 15.33
C TRP B 374 -17.43 -0.95 16.75
N LEU B 375 -16.94 -1.49 17.82
CA LEU B 375 -17.56 -0.93 18.98
C LEU B 375 -16.79 0.36 19.22
N THR B 376 -15.66 0.39 18.55
CA THR B 376 -15.02 1.67 18.60
C THR B 376 -15.88 2.85 18.11
N ARG B 377 -16.52 2.66 17.00
CA ARG B 377 -17.12 3.73 16.28
C ARG B 377 -18.76 3.62 16.36
N ILE B 378 -19.28 2.44 16.64
CA ILE B 378 -20.76 2.01 16.66
C ILE B 378 -20.89 1.03 17.67
N PRO B 379 -20.86 1.59 18.96
CA PRO B 379 -20.86 0.84 20.29
C PRO B 379 -22.23 0.33 20.58
N ASP B 380 -23.20 0.54 19.62
CA ASP B 380 -24.60 0.85 20.15
C ASP B 380 -25.64 0.58 19.08
N PHE B 381 -26.20 -0.65 19.00
CA PHE B 381 -26.85 -0.91 17.75
C PHE B 381 -27.66 -2.10 18.00
N SER B 382 -28.62 -2.35 17.11
CA SER B 382 -29.65 -3.22 17.60
C SER B 382 -30.14 -3.95 16.33
N ILE B 383 -31.04 -4.99 16.39
CA ILE B 383 -31.54 -5.57 15.14
C ILE B 383 -32.68 -4.68 14.68
N ALA B 384 -32.83 -4.27 13.41
CA ALA B 384 -33.93 -3.38 12.98
C ALA B 384 -35.35 -3.94 13.38
N PRO B 385 -36.27 -3.06 13.92
CA PRO B 385 -37.59 -3.39 14.40
C PRO B 385 -38.32 -4.42 13.47
N GLY B 386 -38.87 -5.42 14.17
CA GLY B 386 -39.67 -6.42 13.58
C GLY B 386 -38.97 -7.51 12.79
N ALA B 387 -37.64 -7.56 12.81
CA ALA B 387 -36.97 -8.38 11.71
C ALA B 387 -36.42 -9.61 12.26
N GLN B 388 -36.48 -10.61 11.43
CA GLN B 388 -36.28 -11.98 11.74
C GLN B 388 -35.00 -12.47 11.11
N ILE B 389 -34.04 -12.77 11.90
CA ILE B 389 -33.00 -13.15 11.22
C ILE B 389 -33.45 -14.53 10.84
N GLN B 390 -32.98 -14.86 9.62
CA GLN B 390 -32.77 -16.22 9.21
C GLN B 390 -31.34 -16.78 8.93
N HIS B 391 -31.12 -17.91 9.58
CA HIS B 391 -30.02 -18.85 9.21
C HIS B 391 -30.23 -19.86 7.99
N LYS B 392 -29.24 -20.13 7.21
CA LYS B 392 -29.28 -21.26 6.28
C LYS B 392 -28.37 -22.25 6.92
N SER B 393 -28.45 -23.54 6.62
CA SER B 393 -27.46 -24.66 7.02
C SER B 393 -26.70 -25.41 5.84
N GLY B 394 -25.38 -25.79 5.93
CA GLY B 394 -24.55 -26.33 4.66
C GLY B 394 -23.19 -26.85 5.24
N ILE B 395 -22.14 -27.12 4.39
CA ILE B 395 -20.74 -27.35 4.74
C ILE B 395 -20.25 -26.20 5.54
N VAL B 396 -20.91 -25.07 5.33
CA VAL B 396 -20.59 -23.99 6.16
C VAL B 396 -21.85 -23.30 6.36
N SER B 397 -22.19 -23.08 7.58
CA SER B 397 -23.56 -22.48 7.82
C SER B 397 -23.51 -20.94 7.87
N GLY B 398 -24.71 -20.29 7.85
CA GLY B 398 -24.73 -18.77 7.65
C GLY B 398 -26.06 -17.94 7.76
N VAL B 399 -26.06 -16.58 7.55
CA VAL B 399 -27.22 -15.73 8.02
C VAL B 399 -27.97 -15.17 6.80
N GLN B 400 -29.28 -15.42 6.55
CA GLN B 400 -29.70 -14.89 5.17
C GLN B 400 -29.61 -13.39 5.02
N ALA B 401 -29.58 -12.75 6.14
CA ALA B 401 -29.23 -11.44 6.10
C ALA B 401 -29.39 -10.89 7.49
N LEU B 402 -28.48 -9.90 7.72
CA LEU B 402 -28.53 -8.97 8.89
C LEU B 402 -28.92 -7.36 9.00
N PRO B 403 -30.13 -6.95 8.87
CA PRO B 403 -30.44 -5.49 8.96
C PRO B 403 -30.27 -4.96 10.54
N LEU B 404 -29.34 -3.92 10.56
CA LEU B 404 -28.99 -3.16 11.69
C LEU B 404 -29.52 -1.78 11.71
N VAL B 405 -29.63 -1.14 12.92
CA VAL B 405 -30.12 0.23 13.05
C VAL B 405 -29.45 0.88 14.18
N TRP B 406 -29.34 2.20 14.16
CA TRP B 406 -28.93 2.71 15.43
C TRP B 406 -29.19 4.13 15.51
N ASP B 407 -28.93 4.66 16.69
CA ASP B 407 -28.78 6.17 16.69
C ASP B 407 -27.34 6.78 16.24
N PRO B 408 -27.23 7.32 15.00
CA PRO B 408 -25.98 8.02 14.63
C PRO B 408 -25.39 9.10 15.68
N ALA B 409 -26.17 9.99 16.29
CA ALA B 409 -25.60 10.82 17.38
C ALA B 409 -24.75 10.09 18.54
N THR B 410 -25.01 8.80 18.63
CA THR B 410 -24.30 7.93 19.58
C THR B 410 -23.07 7.26 19.09
N THR B 411 -22.66 7.48 17.80
CA THR B 411 -21.45 6.99 17.06
C THR B 411 -20.15 7.82 17.11
N LYS B 412 -19.02 7.15 16.92
CA LYS B 412 -17.65 7.81 17.11
C LYS B 412 -16.64 7.72 15.95
N ALA B 413 -16.30 8.89 15.49
CA ALA B 413 -15.49 9.11 14.40
C ALA B 413 -14.09 8.82 15.09
N VAL B 414 -13.21 7.92 14.56
CA VAL B 414 -11.85 8.03 15.11
C VAL B 414 -10.93 8.96 14.26
#